data_5DGK
#
_entry.id   5DGK
#
_cell.length_a   110.140
_cell.length_b   110.140
_cell.length_c   302.755
_cell.angle_alpha   90.000
_cell.angle_beta   90.000
_cell.angle_gamma   120.000
#
_symmetry.space_group_name_H-M   'H 3'
#
loop_
_entity.id
_entity.type
_entity.pdbx_description
1 polymer 'Active helicase'
2 non-polymer 'PHOSPHOAMINOPHOSPHONIC ACID-ADENYLATE ESTER'
3 non-polymer 'MAGNESIUM ION'
4 water water
#
_entity_poly.entity_id   1
_entity_poly.type   'polypeptide(L)'
_entity_poly.pdbx_seq_one_letter_code
;(MSE)SYTLFEIGPFALDSFGWKETIPPKKDGDSEKVVR(MSE)ASPIIVNARFSDPITGVEKLIITNNNGKKDIFESDI
LTTRNLPSLIKYGYSINEKYIRSLSYALQL(MSE)RDRLPLSELYEGVGILETPFGYLISLDKVLKSIQFNQSSPSYPIV
DSAYDLTPKGTFDNWFN(MSE)YIDEVKGHLLLELAVIFGISALVTSFLKHKHEIEFAGILFSFTGQSSTGKSTAAALAV
SVAGNPTKGNETLFRSWNATRNALEGYLSNNYGIPIVFDELSSTTLRDTTGLLYSIAEGQGRQRSNVHGEVKTPKNWGTS
VISTSEYSIFNDSAQNDGLRVRTIEINEQFTTNATNADNIKKAVALNYGHVLPLVAKYLINREDEVIQWFYKEVDWFEAK
LKDETNNTGIR(MSE)FKRYAVITTSAKILGRVLSTDIDIANIRDYFIDYHTHTVSERSLADKAIDVIIQFVAQNRGKFS
DEGALKN(MSE)FENYGLISLKDDHIEVKIIANVFKQ(MSE)LNNHQFQDVNNVVNALRDKGFILADRGRQTTKRSVKDN
SGKKQSLVFYHLKLDVEFASILGLTKDKSLLQNWTPSNDNKAAKELFKSANEGIGPSGVHEDFLEHHHHHH
;
_entity_poly.pdbx_strand_id   A,B
#
# COMPACT_ATOMS: atom_id res chain seq x y z
N THR A 4 -23.58 -37.16 31.62
CA THR A 4 -24.12 -36.95 30.29
C THR A 4 -24.05 -35.46 29.94
N LEU A 5 -22.92 -35.07 29.35
CA LEU A 5 -22.59 -33.68 29.12
C LEU A 5 -23.48 -33.03 28.06
N PHE A 6 -24.11 -33.82 27.20
CA PHE A 6 -25.04 -33.20 26.23
C PHE A 6 -26.07 -34.17 25.65
N GLU A 7 -27.27 -33.68 25.37
CA GLU A 7 -28.29 -34.50 24.72
C GLU A 7 -29.22 -33.71 23.80
N ILE A 8 -29.58 -34.32 22.67
CA ILE A 8 -30.70 -33.86 21.85
C ILE A 8 -31.30 -35.10 21.21
N GLY A 9 -32.62 -35.16 21.15
CA GLY A 9 -33.31 -36.28 20.55
C GLY A 9 -32.71 -37.60 20.99
N PRO A 10 -32.36 -38.48 20.02
CA PRO A 10 -31.72 -39.74 20.40
C PRO A 10 -30.21 -39.64 20.57
N PHE A 11 -29.63 -38.46 20.30
CA PHE A 11 -28.18 -38.34 20.37
C PHE A 11 -27.75 -37.85 21.73
N ALA A 12 -26.76 -38.55 22.28
CA ALA A 12 -26.31 -38.31 23.62
C ALA A 12 -24.78 -38.34 23.73
N LEU A 13 -24.27 -37.41 24.50
CA LEU A 13 -22.85 -37.28 24.80
C LEU A 13 -22.64 -37.49 26.28
N ASP A 14 -21.94 -38.57 26.59
CA ASP A 14 -21.52 -38.88 27.95
C ASP A 14 -20.00 -38.81 27.99
N SER A 15 -19.40 -39.06 29.15
CA SER A 15 -17.97 -38.89 29.31
C SER A 15 -17.16 -39.99 28.61
N PHE A 16 -17.85 -40.90 27.93
CA PHE A 16 -17.20 -42.01 27.22
C PHE A 16 -17.41 -41.88 25.72
N GLY A 17 -18.33 -41.00 25.32
CA GLY A 17 -18.49 -40.67 23.92
C GLY A 17 -19.91 -40.32 23.52
N TRP A 18 -20.17 -40.49 22.22
CA TRP A 18 -21.47 -40.21 21.64
C TRP A 18 -22.29 -41.49 21.45
N LYS A 19 -23.61 -41.36 21.50
CA LYS A 19 -24.48 -42.51 21.24
C LYS A 19 -25.88 -42.13 20.75
N GLU A 20 -26.49 -43.03 19.98
CA GLU A 20 -27.85 -42.85 19.46
C GLU A 20 -28.77 -43.97 19.95
N THR A 21 -30.07 -43.68 20.00
CA THR A 21 -31.09 -44.64 20.46
C THR A 21 -32.18 -44.87 19.40
N ILE A 22 -32.72 -46.09 19.37
CA ILE A 22 -33.78 -46.47 18.42
C ILE A 22 -34.71 -47.50 19.06
N PRO A 23 -35.85 -47.82 18.40
CA PRO A 23 -36.69 -48.87 19.00
C PRO A 23 -36.07 -50.24 18.82
N LYS A 32 -32.50 -49.91 21.57
CA LYS A 32 -31.12 -50.23 21.22
C LYS A 32 -30.27 -48.96 21.27
N VAL A 33 -29.15 -49.03 21.98
CA VAL A 33 -28.24 -47.89 22.12
C VAL A 33 -26.82 -48.18 21.64
N VAL A 34 -26.39 -47.45 20.62
CA VAL A 34 -25.10 -47.68 19.98
C VAL A 34 -24.13 -46.53 20.23
N ARG A 35 -22.85 -46.85 20.43
CA ARG A 35 -21.80 -45.85 20.56
C ARG A 35 -21.21 -45.54 19.19
N ALA A 37 -18.93 -42.56 18.56
CA ALA A 37 -17.73 -41.73 18.56
C ALA A 37 -17.15 -41.50 19.95
N SER A 38 -15.86 -41.18 19.97
CA SER A 38 -15.18 -40.68 21.16
C SER A 38 -15.81 -39.36 21.59
N PRO A 39 -15.46 -38.87 22.78
CA PRO A 39 -15.90 -37.52 23.16
C PRO A 39 -15.48 -36.46 22.13
N ILE A 40 -16.46 -35.88 21.46
CA ILE A 40 -16.23 -34.80 20.50
C ILE A 40 -17.07 -33.60 20.91
N ILE A 41 -16.41 -32.50 21.23
CA ILE A 41 -17.06 -31.32 21.79
C ILE A 41 -16.85 -30.08 20.95
N VAL A 42 -17.93 -29.35 20.71
CA VAL A 42 -17.89 -28.09 19.98
C VAL A 42 -17.98 -26.96 20.98
N ASN A 43 -16.88 -26.25 21.21
CA ASN A 43 -16.81 -25.30 22.31
C ASN A 43 -17.12 -23.87 21.92
N ALA A 44 -16.97 -23.55 20.64
CA ALA A 44 -17.18 -22.18 20.17
C ALA A 44 -17.09 -22.09 18.65
N ARG A 45 -18.01 -21.33 18.07
CA ARG A 45 -18.00 -21.06 16.63
C ARG A 45 -17.75 -19.59 16.32
N PHE A 46 -17.15 -19.33 15.16
CA PHE A 46 -16.93 -17.95 14.70
C PHE A 46 -17.33 -17.77 13.24
N SER A 47 -17.69 -16.55 12.87
CA SER A 47 -18.11 -16.22 11.50
C SER A 47 -17.28 -15.11 10.88
N ASP A 48 -16.58 -15.43 9.79
CA ASP A 48 -15.79 -14.43 9.07
C ASP A 48 -16.65 -13.60 8.11
N PRO A 49 -16.72 -12.26 8.32
CA PRO A 49 -17.64 -11.40 7.56
C PRO A 49 -17.54 -11.48 6.05
N ILE A 50 -16.38 -11.14 5.48
CA ILE A 50 -16.26 -11.03 4.02
C ILE A 50 -16.46 -12.39 3.35
N THR A 51 -16.03 -13.46 4.03
CA THR A 51 -16.05 -14.80 3.47
C THR A 51 -17.38 -15.52 3.75
N GLY A 52 -17.95 -15.28 4.93
CA GLY A 52 -19.18 -15.93 5.33
C GLY A 52 -18.93 -17.25 6.04
N VAL A 53 -17.72 -17.78 5.83
CA VAL A 53 -17.36 -19.12 6.31
C VAL A 53 -17.23 -19.18 7.83
N GLU A 54 -17.85 -20.19 8.42
CA GLU A 54 -17.83 -20.37 9.86
C GLU A 54 -16.65 -21.25 10.27
N LYS A 55 -16.21 -21.09 11.52
CA LYS A 55 -15.15 -21.93 12.09
C LYS A 55 -15.54 -22.45 13.47
N LEU A 56 -14.84 -23.50 13.90
CA LEU A 56 -15.17 -24.22 15.13
C LEU A 56 -13.95 -24.62 15.94
N ILE A 57 -14.12 -24.57 17.27
CA ILE A 57 -13.16 -25.15 18.21
C ILE A 57 -13.65 -26.54 18.59
N ILE A 58 -12.90 -27.55 18.20
CA ILE A 58 -13.30 -28.93 18.51
C ILE A 58 -12.40 -29.48 19.61
N THR A 59 -13.01 -30.02 20.67
CA THR A 59 -12.24 -30.55 21.79
C THR A 59 -12.74 -31.90 22.30
N ASN A 60 -11.97 -32.47 23.21
CA ASN A 60 -12.33 -33.67 23.96
C ASN A 60 -12.39 -33.31 25.45
N ASN A 61 -12.30 -34.32 26.32
CA ASN A 61 -12.25 -34.08 27.75
C ASN A 61 -10.82 -33.97 28.29
N ASN A 62 -9.84 -34.02 27.38
CA ASN A 62 -8.43 -33.93 27.77
C ASN A 62 -7.76 -32.64 27.27
N GLY A 63 -8.51 -31.54 27.29
CA GLY A 63 -7.99 -30.25 26.90
C GLY A 63 -7.23 -30.26 25.58
N LYS A 64 -7.79 -30.96 24.61
CA LYS A 64 -7.29 -30.92 23.23
C LYS A 64 -8.07 -29.87 22.47
N LYS A 65 -7.36 -28.95 21.83
CA LYS A 65 -7.99 -27.83 21.12
C LYS A 65 -7.49 -27.69 19.70
N ASP A 66 -8.44 -27.63 18.76
CA ASP A 66 -8.13 -27.42 17.36
C ASP A 66 -9.22 -26.60 16.69
N ILE A 67 -8.83 -25.80 15.70
CA ILE A 67 -9.74 -24.93 14.97
C ILE A 67 -9.97 -25.48 13.56
N PHE A 68 -11.22 -25.80 13.25
CA PHE A 68 -11.58 -26.29 11.92
C PHE A 68 -12.58 -25.38 11.25
N GLU A 69 -12.58 -25.34 9.93
CA GLU A 69 -13.70 -24.78 9.19
C GLU A 69 -14.86 -25.72 9.45
N SER A 70 -16.08 -25.18 9.54
CA SER A 70 -17.21 -25.97 10.00
C SER A 70 -17.54 -27.13 9.06
N ASP A 71 -16.98 -27.10 7.85
CA ASP A 71 -17.21 -28.17 6.89
C ASP A 71 -16.54 -29.48 7.33
N ILE A 72 -15.90 -29.46 8.49
CA ILE A 72 -15.41 -30.69 9.10
C ILE A 72 -16.60 -31.54 9.50
N LEU A 73 -17.75 -30.91 9.75
CA LEU A 73 -18.91 -31.64 10.24
C LEU A 73 -19.72 -32.32 9.13
N THR A 74 -19.31 -32.18 7.87
CA THR A 74 -19.98 -32.89 6.78
C THR A 74 -19.52 -34.35 6.78
N THR A 75 -20.39 -35.26 6.35
CA THR A 75 -20.08 -36.70 6.42
C THR A 75 -18.89 -37.05 5.54
N ARG A 76 -18.58 -36.19 4.58
CA ARG A 76 -17.40 -36.35 3.74
C ARG A 76 -16.12 -36.11 4.54
N ASN A 77 -16.17 -35.15 5.46
CA ASN A 77 -14.97 -34.65 6.12
C ASN A 77 -14.77 -35.13 7.55
N LEU A 78 -15.86 -35.45 8.23
CA LEU A 78 -15.81 -35.76 9.66
C LEU A 78 -14.85 -36.90 10.03
N PRO A 79 -14.79 -37.96 9.20
CA PRO A 79 -13.88 -39.07 9.55
C PRO A 79 -12.43 -38.61 9.68
N SER A 80 -12.09 -37.49 9.05
CA SER A 80 -10.73 -36.97 9.08
C SER A 80 -10.35 -36.49 10.47
N LEU A 81 -11.32 -36.37 11.37
CA LEU A 81 -11.02 -36.06 12.77
C LEU A 81 -10.29 -37.22 13.43
N ILE A 82 -10.25 -38.38 12.77
CA ILE A 82 -9.54 -39.51 13.33
C ILE A 82 -8.03 -39.24 13.26
N LYS A 83 -7.62 -38.43 12.30
CA LYS A 83 -6.22 -38.01 12.20
C LYS A 83 -5.80 -37.25 13.45
N TYR A 84 -6.75 -36.52 14.01
CA TYR A 84 -6.49 -35.67 15.17
C TYR A 84 -6.76 -36.41 16.49
N GLY A 85 -6.79 -37.73 16.44
CA GLY A 85 -6.80 -38.52 17.66
C GLY A 85 -8.17 -39.04 18.09
N TYR A 86 -9.23 -38.55 17.45
CA TYR A 86 -10.58 -38.93 17.85
C TYR A 86 -10.94 -40.29 17.27
N SER A 87 -12.02 -40.87 17.78
CA SER A 87 -12.54 -42.15 17.29
C SER A 87 -13.95 -41.97 16.75
N ILE A 88 -14.24 -42.61 15.63
CA ILE A 88 -15.54 -42.49 14.99
C ILE A 88 -15.96 -43.82 14.38
N ASN A 89 -17.22 -44.18 14.62
CA ASN A 89 -17.80 -45.37 14.01
C ASN A 89 -18.57 -44.95 12.77
N GLU A 90 -17.97 -45.19 11.60
CA GLU A 90 -18.44 -44.61 10.35
C GLU A 90 -19.73 -45.27 9.85
N LYS A 91 -20.22 -46.25 10.59
CA LYS A 91 -21.55 -46.80 10.33
C LYS A 91 -22.62 -45.77 10.69
N TYR A 92 -22.23 -44.76 11.46
CA TYR A 92 -23.15 -43.77 12.01
C TYR A 92 -22.72 -42.33 11.72
N ILE A 93 -21.93 -42.14 10.68
CA ILE A 93 -21.37 -40.83 10.39
C ILE A 93 -22.46 -39.80 10.07
N ARG A 94 -23.52 -40.25 9.39
CA ARG A 94 -24.60 -39.36 9.00
C ARG A 94 -25.31 -38.77 10.21
N SER A 95 -25.52 -39.60 11.23
CA SER A 95 -26.12 -39.14 12.47
C SER A 95 -25.13 -38.27 13.21
N LEU A 96 -23.94 -38.82 13.45
CA LEU A 96 -22.88 -38.14 14.18
C LEU A 96 -22.61 -36.73 13.65
N SER A 97 -22.75 -36.56 12.33
CA SER A 97 -22.58 -35.25 11.73
C SER A 97 -23.67 -34.30 12.18
N TYR A 98 -24.89 -34.81 12.28
CA TYR A 98 -26.03 -33.95 12.58
C TYR A 98 -26.01 -33.52 14.04
N ALA A 99 -25.67 -34.45 14.93
CA ALA A 99 -25.62 -34.15 16.36
C ALA A 99 -24.61 -33.06 16.65
N LEU A 100 -23.45 -33.13 15.99
CA LEU A 100 -22.42 -32.13 16.15
C LEU A 100 -22.87 -30.79 15.58
N GLN A 101 -23.63 -30.83 14.49
CA GLN A 101 -24.26 -29.62 13.99
C GLN A 101 -25.25 -29.11 15.03
N LEU A 102 -26.13 -30.00 15.49
CA LEU A 102 -27.14 -29.62 16.47
C LEU A 102 -26.44 -28.94 17.63
N ARG A 104 -23.82 -27.30 17.83
CA ARG A 104 -23.18 -26.01 17.61
C ARG A 104 -24.27 -24.98 17.34
N ASP A 105 -25.48 -25.44 17.06
CA ASP A 105 -26.59 -24.51 16.87
C ASP A 105 -26.88 -23.86 18.21
N ARG A 106 -26.76 -24.65 19.26
CA ARG A 106 -27.01 -24.20 20.63
C ARG A 106 -25.97 -23.19 21.10
N LEU A 107 -24.77 -23.25 20.54
CA LEU A 107 -23.73 -22.29 20.85
C LEU A 107 -24.14 -20.89 20.42
N PRO A 108 -23.59 -19.86 21.08
CA PRO A 108 -23.77 -18.49 20.61
C PRO A 108 -22.66 -18.10 19.64
N LEU A 109 -22.90 -17.05 18.86
CA LEU A 109 -21.85 -16.53 17.99
C LEU A 109 -20.77 -15.88 18.84
N SER A 110 -19.53 -16.22 18.55
CA SER A 110 -18.37 -15.59 19.19
C SER A 110 -17.58 -14.91 18.11
N GLU A 111 -16.58 -14.11 18.50
CA GLU A 111 -15.67 -13.52 17.52
C GLU A 111 -14.25 -13.97 17.79
N LEU A 112 -13.55 -14.25 16.71
CA LEU A 112 -12.19 -14.73 16.76
C LEU A 112 -11.24 -13.64 16.31
N TYR A 113 -10.39 -13.18 17.21
CA TYR A 113 -9.32 -12.28 16.88
C TYR A 113 -8.07 -13.11 16.68
N GLU A 114 -7.38 -12.90 15.57
CA GLU A 114 -6.19 -13.67 15.24
C GLU A 114 -4.99 -12.77 15.14
N GLY A 115 -3.91 -13.20 15.79
CA GLY A 115 -2.64 -12.50 15.70
C GLY A 115 -1.93 -12.41 17.01
N VAL A 116 -0.85 -11.62 17.00
CA VAL A 116 -0.03 -11.43 18.18
C VAL A 116 0.32 -9.94 18.27
N GLY A 117 0.60 -9.49 19.49
CA GLY A 117 0.85 -8.10 19.73
C GLY A 117 -0.45 -7.41 20.13
N ILE A 118 -0.72 -6.26 19.52
CA ILE A 118 -1.91 -5.49 19.82
C ILE A 118 -3.03 -5.81 18.84
N LEU A 119 -4.07 -6.44 19.36
CA LEU A 119 -5.20 -6.87 18.54
C LEU A 119 -6.35 -5.88 18.68
N GLU A 120 -6.79 -5.37 17.52
CA GLU A 120 -7.85 -4.37 17.44
C GLU A 120 -9.19 -5.03 17.72
N THR A 121 -10.04 -4.38 18.53
CA THR A 121 -11.35 -4.94 18.83
C THR A 121 -12.41 -3.82 18.94
N PRO A 122 -13.61 -4.05 18.39
CA PRO A 122 -14.67 -3.03 18.50
C PRO A 122 -14.99 -2.62 19.94
N PHE A 123 -14.57 -3.46 20.88
CA PHE A 123 -14.72 -3.18 22.30
C PHE A 123 -13.39 -2.76 22.92
N GLY A 124 -12.47 -2.25 22.10
CA GLY A 124 -11.16 -1.82 22.58
C GLY A 124 -9.97 -2.51 21.93
N TYR A 125 -9.02 -2.94 22.75
CA TYR A 125 -7.86 -3.64 22.24
C TYR A 125 -7.42 -4.74 23.19
N LEU A 126 -6.80 -5.77 22.62
CA LEU A 126 -6.24 -6.88 23.36
C LEU A 126 -4.73 -6.95 23.19
N ILE A 127 -4.02 -7.48 24.19
CA ILE A 127 -2.63 -7.86 24.01
C ILE A 127 -2.54 -9.38 23.92
N SER A 128 -2.20 -9.85 22.73
CA SER A 128 -2.03 -11.27 22.47
C SER A 128 -0.54 -11.62 22.54
N LEU A 129 -0.15 -12.41 23.53
CA LEU A 129 1.22 -12.89 23.64
C LEU A 129 1.26 -14.41 23.67
N ASP A 130 1.30 -15.00 24.86
CA ASP A 130 1.21 -16.45 25.03
C ASP A 130 -0.09 -16.71 25.78
N LYS A 131 -0.26 -16.00 26.89
CA LYS A 131 -1.57 -15.82 27.48
C LYS A 131 -2.16 -14.58 26.81
N VAL A 132 -3.42 -14.28 27.08
CA VAL A 132 -4.07 -13.11 26.49
C VAL A 132 -4.47 -12.11 27.56
N LEU A 133 -4.02 -10.87 27.39
CA LEU A 133 -4.28 -9.83 28.36
C LEU A 133 -5.28 -8.82 27.83
N LYS A 134 -6.34 -8.64 28.60
CA LYS A 134 -7.43 -7.74 28.27
C LYS A 134 -7.10 -6.35 28.79
N SER A 135 -7.59 -5.32 28.12
CA SER A 135 -7.33 -3.95 28.54
C SER A 135 -8.55 -3.42 29.28
N ILE A 136 -8.38 -2.29 29.95
CA ILE A 136 -9.43 -1.72 30.77
C ILE A 136 -10.67 -1.44 29.92
N GLN A 137 -10.45 -1.06 28.67
CA GLN A 137 -11.54 -0.77 27.76
C GLN A 137 -12.29 -2.05 27.33
N PHE A 138 -11.54 -3.10 27.03
CA PHE A 138 -12.13 -4.36 26.59
C PHE A 138 -12.80 -5.10 27.74
N ASN A 139 -12.08 -5.24 28.83
CA ASN A 139 -12.58 -5.91 30.03
C ASN A 139 -13.99 -5.45 30.38
N GLN A 140 -14.23 -4.15 30.23
CA GLN A 140 -15.51 -3.55 30.62
C GLN A 140 -16.73 -3.81 29.72
N SER A 141 -16.54 -3.92 28.40
CA SER A 141 -17.69 -3.76 27.48
C SER A 141 -18.33 -5.00 26.86
N SER A 142 -17.60 -6.11 26.71
CA SER A 142 -18.15 -7.31 26.07
C SER A 142 -18.26 -8.51 27.04
N PRO A 143 -19.38 -9.27 26.98
CA PRO A 143 -19.53 -10.42 27.88
C PRO A 143 -18.90 -11.73 27.41
N SER A 144 -17.69 -11.71 26.85
CA SER A 144 -17.12 -12.93 26.31
C SER A 144 -15.67 -13.12 26.70
N TYR A 145 -15.29 -14.40 26.78
CA TYR A 145 -13.91 -14.79 26.97
C TYR A 145 -13.30 -14.61 25.59
N PRO A 146 -12.33 -13.69 25.45
CA PRO A 146 -11.87 -13.54 24.07
C PRO A 146 -11.17 -14.80 23.61
N ILE A 147 -11.21 -15.08 22.32
CA ILE A 147 -10.57 -16.28 21.79
C ILE A 147 -9.57 -15.86 20.73
N VAL A 148 -8.34 -16.35 20.89
CA VAL A 148 -7.22 -15.87 20.09
C VAL A 148 -6.40 -17.01 19.52
N ASP A 149 -5.95 -16.81 18.28
CA ASP A 149 -4.99 -17.69 17.65
C ASP A 149 -3.61 -17.29 18.17
N SER A 150 -2.99 -18.15 18.99
CA SER A 150 -1.73 -17.83 19.67
C SER A 150 -0.67 -17.34 18.70
N ALA A 151 -0.47 -18.11 17.63
CA ALA A 151 0.29 -17.66 16.45
C ALA A 151 1.80 -17.50 16.65
N TYR A 152 2.34 -18.00 17.76
CA TYR A 152 3.78 -18.27 17.89
C TYR A 152 3.99 -19.24 19.06
N ASP A 153 5.25 -19.49 19.40
CA ASP A 153 5.57 -20.21 20.63
C ASP A 153 5.42 -19.26 21.82
N LEU A 154 6.45 -18.45 22.07
CA LEU A 154 6.40 -17.39 23.07
C LEU A 154 6.15 -17.88 24.50
N THR A 155 6.18 -19.20 24.70
CA THR A 155 5.97 -19.75 26.03
C THR A 155 7.23 -19.56 26.89
N PRO A 156 7.07 -19.08 28.14
CA PRO A 156 8.28 -18.80 28.93
C PRO A 156 9.09 -20.04 29.28
N LYS A 157 10.41 -19.92 29.14
CA LYS A 157 11.37 -20.97 29.51
C LYS A 157 12.25 -20.46 30.63
N GLY A 158 12.60 -21.31 31.58
CA GLY A 158 13.49 -20.92 32.65
C GLY A 158 12.87 -19.84 33.52
N THR A 159 13.70 -18.98 34.11
CA THR A 159 13.21 -17.95 35.02
C THR A 159 13.52 -16.53 34.56
N PHE A 160 12.64 -15.61 34.94
CA PHE A 160 12.90 -14.18 34.84
C PHE A 160 14.22 -13.83 35.54
N ASP A 161 14.39 -14.39 36.73
CA ASP A 161 15.56 -14.15 37.56
C ASP A 161 16.88 -14.37 36.82
N ASN A 162 17.00 -15.50 36.12
CA ASN A 162 18.19 -15.79 35.33
C ASN A 162 18.41 -14.78 34.22
N TRP A 163 17.34 -14.49 33.47
CA TRP A 163 17.41 -13.49 32.39
C TRP A 163 17.86 -12.15 32.96
N PHE A 164 17.33 -11.78 34.10
CA PHE A 164 17.67 -10.51 34.72
C PHE A 164 19.09 -10.54 35.25
N ASN A 165 19.52 -11.68 35.77
CA ASN A 165 20.89 -11.81 36.21
C ASN A 165 21.85 -11.64 35.03
N TYR A 167 21.07 -9.94 32.43
CA TYR A 167 20.95 -8.52 32.15
C TYR A 167 21.92 -7.67 32.97
N ILE A 168 21.95 -7.87 34.28
CA ILE A 168 22.87 -7.09 35.10
C ILE A 168 24.33 -7.39 34.78
N ASP A 169 24.64 -8.67 34.56
CA ASP A 169 26.03 -9.11 34.48
C ASP A 169 26.66 -8.88 33.11
N GLU A 170 25.84 -8.89 32.05
CA GLU A 170 26.36 -8.85 30.68
C GLU A 170 25.83 -7.68 29.85
N VAL A 171 24.75 -7.04 30.30
CA VAL A 171 24.03 -6.05 29.50
C VAL A 171 24.07 -4.66 30.11
N LYS A 172 23.63 -4.56 31.36
CA LYS A 172 23.54 -3.28 32.06
C LYS A 172 24.87 -2.52 32.00
N GLY A 173 24.80 -1.24 31.66
CA GLY A 173 25.97 -0.41 31.54
C GLY A 173 26.53 -0.41 30.12
N HIS A 174 25.99 -1.27 29.27
CA HIS A 174 26.42 -1.36 27.88
C HIS A 174 25.32 -0.86 26.95
N LEU A 175 25.53 0.36 26.44
CA LEU A 175 24.54 1.09 25.64
C LEU A 175 23.83 0.25 24.58
N LEU A 176 24.61 -0.34 23.68
CA LEU A 176 24.05 -1.01 22.51
C LEU A 176 23.28 -2.27 22.88
N LEU A 177 23.82 -3.04 23.81
CA LEU A 177 23.14 -4.23 24.30
C LEU A 177 21.88 -3.84 25.09
N GLU A 178 21.83 -2.60 25.57
CA GLU A 178 20.65 -2.10 26.27
C GLU A 178 19.60 -1.72 25.25
N LEU A 179 20.02 -0.97 24.24
CA LEU A 179 19.17 -0.69 23.09
C LEU A 179 18.57 -1.98 22.59
N ALA A 180 19.40 -2.99 22.35
CA ALA A 180 18.92 -4.27 21.84
C ALA A 180 17.71 -4.81 22.62
N VAL A 181 17.70 -4.62 23.94
CA VAL A 181 16.56 -5.05 24.75
C VAL A 181 15.41 -4.08 24.56
N ILE A 182 15.74 -2.80 24.51
CA ILE A 182 14.73 -1.77 24.24
C ILE A 182 14.01 -2.04 22.91
N PHE A 183 14.78 -2.07 21.83
CA PHE A 183 14.28 -2.35 20.48
C PHE A 183 13.28 -3.49 20.47
N GLY A 184 13.56 -4.54 21.21
CA GLY A 184 12.72 -5.72 21.21
C GLY A 184 11.37 -5.51 21.87
N ILE A 185 11.33 -4.69 22.91
CA ILE A 185 10.07 -4.42 23.59
C ILE A 185 9.35 -3.27 22.88
N SER A 186 10.12 -2.43 22.20
CA SER A 186 9.57 -1.27 21.49
C SER A 186 8.66 -1.65 20.33
N ALA A 187 8.61 -2.93 19.98
CA ALA A 187 7.70 -3.37 18.92
C ALA A 187 6.27 -3.19 19.41
N LEU A 188 6.01 -3.75 20.58
CA LEU A 188 4.69 -3.66 21.20
C LEU A 188 4.35 -2.22 21.56
N VAL A 189 5.33 -1.47 22.03
CA VAL A 189 5.11 -0.08 22.41
C VAL A 189 4.78 0.77 21.18
N THR A 190 5.60 0.64 20.14
CA THR A 190 5.36 1.38 18.90
C THR A 190 3.98 1.05 18.36
N SER A 191 3.70 -0.25 18.25
CA SER A 191 2.40 -0.69 17.79
C SER A 191 1.27 -0.11 18.67
N PHE A 192 1.49 -0.11 19.99
CA PHE A 192 0.50 0.42 20.92
C PHE A 192 0.24 1.89 20.64
N LEU A 193 1.30 2.64 20.37
CA LEU A 193 1.15 4.05 20.03
C LEU A 193 0.45 4.26 18.68
N LYS A 194 0.80 3.51 17.65
CA LYS A 194 0.06 3.62 16.40
C LYS A 194 -1.42 3.39 16.66
N HIS A 195 -1.74 2.33 17.39
CA HIS A 195 -3.13 2.01 17.72
C HIS A 195 -3.82 3.21 18.38
N LYS A 196 -3.05 4.04 19.08
CA LYS A 196 -3.59 5.22 19.74
C LYS A 196 -3.47 6.47 18.87
N HIS A 197 -3.02 6.29 17.63
CA HIS A 197 -2.84 7.38 16.69
C HIS A 197 -1.96 8.50 17.23
N GLU A 198 -0.99 8.13 18.06
CA GLU A 198 0.00 9.08 18.56
C GLU A 198 1.19 9.10 17.62
N ILE A 199 1.34 8.03 16.84
CA ILE A 199 2.23 7.99 15.69
C ILE A 199 1.46 7.38 14.52
N GLU A 200 1.93 7.58 13.31
CA GLU A 200 1.28 6.97 12.15
C GLU A 200 2.07 5.76 11.60
N PHE A 201 3.36 5.69 11.87
CA PHE A 201 4.14 4.51 11.49
C PHE A 201 3.91 3.36 12.48
N ALA A 202 3.92 2.13 11.96
CA ALA A 202 3.53 0.95 12.75
C ALA A 202 4.72 0.19 13.31
N GLY A 203 5.93 0.63 13.00
CA GLY A 203 7.11 -0.09 13.45
C GLY A 203 8.37 0.31 12.71
N ILE A 204 9.51 -0.05 13.30
CA ILE A 204 10.81 0.24 12.71
C ILE A 204 11.54 -1.05 12.34
N LEU A 205 12.14 -1.04 11.15
CA LEU A 205 13.09 -2.07 10.75
C LEU A 205 14.46 -1.73 11.31
N PHE A 206 14.99 -2.61 12.16
CA PHE A 206 16.33 -2.42 12.71
C PHE A 206 17.31 -3.33 11.98
N SER A 207 18.51 -2.81 11.70
CA SER A 207 19.56 -3.57 11.05
C SER A 207 20.84 -3.54 11.85
N PHE A 208 21.24 -4.69 12.39
CA PHE A 208 22.52 -4.83 13.07
C PHE A 208 23.58 -5.19 12.04
N THR A 209 24.44 -4.23 11.71
CA THR A 209 25.51 -4.45 10.74
C THR A 209 26.85 -4.21 11.43
N GLY A 210 27.94 -4.51 10.73
CA GLY A 210 29.27 -4.41 11.26
C GLY A 210 30.05 -5.62 10.79
N GLN A 211 31.26 -5.78 11.30
CA GLN A 211 32.11 -6.87 10.86
C GLN A 211 31.75 -8.16 11.56
N SER A 212 32.23 -9.27 11.03
CA SER A 212 31.92 -10.58 11.57
C SER A 212 32.45 -10.75 12.99
N SER A 213 31.64 -11.35 13.84
CA SER A 213 32.04 -11.75 15.20
C SER A 213 32.14 -10.53 16.10
N THR A 214 31.00 -9.85 16.26
CA THR A 214 30.93 -8.60 16.99
C THR A 214 29.65 -8.51 17.82
N GLY A 215 28.94 -9.63 17.95
CA GLY A 215 27.80 -9.72 18.84
C GLY A 215 26.45 -9.38 18.22
N LYS A 216 26.39 -9.30 16.89
CA LYS A 216 25.16 -8.96 16.19
C LYS A 216 24.05 -9.99 16.40
N SER A 217 24.30 -11.22 15.96
CA SER A 217 23.34 -12.32 16.17
C SER A 217 23.11 -12.59 17.66
N THR A 218 23.96 -11.98 18.50
CA THR A 218 23.85 -12.15 19.95
C THR A 218 22.88 -11.12 20.49
N ALA A 219 23.15 -9.85 20.19
CA ALA A 219 22.23 -8.77 20.53
C ALA A 219 20.85 -9.03 19.92
N ALA A 220 20.84 -9.70 18.77
CA ALA A 220 19.60 -10.03 18.08
C ALA A 220 18.75 -11.04 18.86
N ALA A 221 19.39 -12.06 19.42
CA ALA A 221 18.67 -13.04 20.24
C ALA A 221 18.28 -12.40 21.56
N LEU A 222 19.20 -11.61 22.09
CA LEU A 222 18.98 -10.82 23.28
C LEU A 222 17.72 -9.97 23.13
N ALA A 223 17.58 -9.33 21.98
CA ALA A 223 16.42 -8.51 21.68
C ALA A 223 15.09 -9.26 21.75
N VAL A 224 15.03 -10.47 21.19
CA VAL A 224 13.77 -11.21 21.09
C VAL A 224 13.49 -12.11 22.30
N SER A 225 14.52 -12.39 23.10
CA SER A 225 14.31 -13.09 24.37
C SER A 225 13.27 -12.42 25.28
N VAL A 226 12.87 -11.21 24.93
CA VAL A 226 11.85 -10.49 25.69
C VAL A 226 10.47 -11.15 25.56
N ALA A 227 10.18 -11.76 24.41
CA ALA A 227 8.84 -12.28 24.15
C ALA A 227 8.79 -13.77 23.90
N GLY A 228 9.94 -14.38 23.62
CA GLY A 228 9.94 -15.80 23.32
C GLY A 228 11.26 -16.35 22.85
N ASN A 229 11.21 -17.61 22.47
CA ASN A 229 12.37 -18.39 22.03
C ASN A 229 13.27 -17.63 21.05
N PRO A 230 14.52 -17.33 21.48
CA PRO A 230 15.46 -16.61 20.62
C PRO A 230 16.39 -17.53 19.82
N THR A 231 16.11 -18.82 19.76
CA THR A 231 16.98 -19.77 19.08
C THR A 231 16.33 -20.32 17.81
N LYS A 232 17.15 -20.92 16.93
CA LYS A 232 16.61 -21.62 15.77
C LYS A 232 15.87 -22.86 16.25
N GLY A 233 14.78 -23.19 15.56
CA GLY A 233 13.85 -24.22 16.01
C GLY A 233 12.57 -24.15 15.20
N ASN A 234 11.53 -24.84 15.66
CA ASN A 234 10.27 -24.90 14.92
C ASN A 234 9.60 -23.53 14.76
N GLU A 235 9.05 -23.01 15.85
CA GLU A 235 8.28 -21.76 15.81
C GLU A 235 8.87 -20.72 16.77
N THR A 236 9.86 -19.97 16.28
CA THR A 236 10.64 -19.07 17.14
C THR A 236 10.82 -17.70 16.50
N LEU A 237 11.44 -16.81 17.25
CA LEU A 237 11.62 -15.41 16.83
C LEU A 237 12.97 -15.19 16.19
N PHE A 238 13.80 -16.25 16.18
CA PHE A 238 15.10 -16.19 15.51
C PHE A 238 15.03 -16.98 14.21
N ARG A 239 15.06 -16.26 13.09
CA ARG A 239 14.95 -16.91 11.79
C ARG A 239 15.98 -16.33 10.81
N SER A 240 16.03 -16.92 9.62
CA SER A 240 16.97 -16.48 8.59
C SER A 240 16.27 -15.85 7.39
N TRP A 241 17.06 -15.19 6.56
CA TRP A 241 16.61 -14.69 5.27
C TRP A 241 16.37 -15.82 4.26
N ASN A 242 16.79 -17.03 4.63
CA ASN A 242 16.70 -18.17 3.73
C ASN A 242 15.25 -18.59 3.48
N ALA A 243 14.59 -17.90 2.55
CA ALA A 243 13.31 -18.33 2.00
C ALA A 243 12.85 -17.38 0.89
N THR A 244 11.62 -17.59 0.43
CA THR A 244 10.98 -16.68 -0.51
C THR A 244 10.41 -15.46 0.22
N ARG A 245 10.12 -14.41 -0.54
CA ARG A 245 9.33 -13.30 -0.02
C ARG A 245 7.98 -13.82 0.45
N ASN A 246 7.52 -14.87 -0.21
CA ASN A 246 6.25 -15.51 0.08
C ASN A 246 6.09 -15.94 1.55
N ALA A 247 7.19 -16.38 2.16
CA ALA A 247 7.14 -16.97 3.51
C ALA A 247 7.63 -16.02 4.62
N LEU A 248 8.60 -15.18 4.30
CA LEU A 248 9.01 -14.12 5.21
C LEU A 248 7.77 -13.30 5.59
N GLU A 249 7.22 -12.62 4.59
CA GLU A 249 5.93 -11.95 4.74
C GLU A 249 4.89 -12.82 5.42
N GLY A 250 4.96 -14.12 5.17
CA GLY A 250 3.97 -15.05 5.68
C GLY A 250 4.12 -15.32 7.16
N TYR A 251 5.36 -15.31 7.65
CA TYR A 251 5.61 -15.54 9.07
C TYR A 251 5.29 -14.30 9.90
N LEU A 252 5.40 -13.12 9.29
CA LEU A 252 5.05 -11.86 9.97
C LEU A 252 3.56 -11.62 10.07
N SER A 253 2.77 -12.40 9.33
CA SER A 253 1.34 -12.14 9.22
C SER A 253 0.68 -12.06 10.60
N ASN A 254 -0.20 -11.09 10.78
CA ASN A 254 -0.95 -10.93 12.01
C ASN A 254 -0.06 -10.66 13.22
N ASN A 255 1.10 -10.06 12.98
CA ASN A 255 2.01 -9.68 14.07
C ASN A 255 2.06 -8.17 14.23
N TYR A 256 1.61 -7.68 15.38
CA TYR A 256 1.64 -6.25 15.66
C TYR A 256 2.26 -5.97 17.03
N GLY A 257 3.44 -6.51 17.29
CA GLY A 257 4.09 -6.26 18.57
C GLY A 257 5.14 -7.25 19.04
N ILE A 258 5.38 -8.31 18.28
CA ILE A 258 6.44 -9.26 18.63
C ILE A 258 7.64 -9.04 17.72
N PRO A 259 8.83 -8.86 18.32
CA PRO A 259 10.00 -8.68 17.46
C PRO A 259 10.46 -10.00 16.86
N ILE A 260 11.01 -9.94 15.64
CA ILE A 260 11.51 -11.12 14.97
C ILE A 260 12.89 -10.82 14.40
N VAL A 261 13.73 -11.84 14.34
CA VAL A 261 15.08 -11.71 13.80
C VAL A 261 15.22 -12.39 12.44
N PHE A 262 15.78 -11.63 11.49
CA PHE A 262 16.20 -12.16 10.20
C PHE A 262 17.72 -12.17 10.16
N ASP A 263 18.32 -13.33 10.36
CA ASP A 263 19.76 -13.44 10.56
C ASP A 263 20.50 -13.69 9.25
N GLU A 264 21.49 -12.83 8.99
CA GLU A 264 22.42 -13.00 7.87
C GLU A 264 21.79 -12.85 6.49
N LEU A 265 21.92 -11.65 5.92
CA LEU A 265 21.54 -11.39 4.54
C LEU A 265 22.28 -12.30 3.57
N SER A 266 23.50 -12.66 3.90
CA SER A 266 24.36 -13.39 2.98
C SER A 266 23.69 -14.68 2.49
N SER A 267 22.84 -15.27 3.34
CA SER A 267 22.06 -16.43 2.96
C SER A 267 20.62 -16.06 2.59
N THR A 268 20.47 -15.04 1.74
CA THR A 268 19.14 -14.54 1.39
C THR A 268 18.46 -15.46 0.39
N ASP A 272 19.88 -6.25 -4.80
CA ASP A 272 19.05 -5.10 -5.15
C ASP A 272 17.81 -5.06 -4.24
N THR A 273 17.99 -4.46 -3.07
CA THR A 273 17.10 -4.69 -1.93
C THR A 273 16.02 -3.63 -1.71
N THR A 274 16.07 -2.52 -2.44
CA THR A 274 15.15 -1.39 -2.27
C THR A 274 13.74 -1.81 -1.86
N GLY A 275 13.09 -2.61 -2.70
CA GLY A 275 11.71 -3.00 -2.50
C GLY A 275 11.39 -3.75 -1.21
N LEU A 276 12.30 -4.59 -0.74
CA LEU A 276 12.03 -5.43 0.43
C LEU A 276 12.02 -4.61 1.72
N LEU A 277 12.91 -3.63 1.81
CA LEU A 277 12.98 -2.73 2.95
C LEU A 277 11.64 -2.04 3.22
N TYR A 278 11.08 -1.40 2.19
CA TYR A 278 9.78 -0.75 2.28
C TYR A 278 8.71 -1.70 2.83
N SER A 279 8.58 -2.86 2.19
CA SER A 279 7.61 -3.88 2.59
C SER A 279 7.56 -4.11 4.09
N ILE A 280 8.71 -4.06 4.75
CA ILE A 280 8.76 -4.35 6.18
C ILE A 280 8.13 -3.23 7.01
N ALA A 281 8.48 -1.98 6.69
CA ALA A 281 7.98 -0.83 7.45
C ALA A 281 6.47 -0.70 7.40
N GLU A 282 5.87 -1.13 6.29
CA GLU A 282 4.41 -1.10 6.13
C GLU A 282 3.90 -2.52 5.99
N GLY A 283 2.98 -2.93 6.87
CA GLY A 283 2.50 -4.29 6.89
C GLY A 283 1.74 -4.64 5.64
N GLN A 284 2.40 -4.51 4.49
CA GLN A 284 1.79 -4.75 3.20
C GLN A 284 2.27 -6.10 2.67
N GLY A 285 1.32 -6.99 2.40
CA GLY A 285 1.65 -8.27 1.79
C GLY A 285 1.71 -8.11 0.29
N ARG A 286 1.43 -9.20 -0.42
CA ARG A 286 1.20 -9.16 -1.86
C ARG A 286 -0.20 -9.69 -2.14
N GLN A 287 -0.74 -9.35 -3.30
CA GLN A 287 -1.98 -9.92 -3.81
C GLN A 287 -3.07 -10.04 -2.75
N THR A 297 -6.68 -12.04 -0.34
CA THR A 297 -6.38 -11.05 0.69
C THR A 297 -4.87 -10.99 0.96
N PRO A 298 -4.39 -9.90 1.58
CA PRO A 298 -2.99 -9.77 1.95
C PRO A 298 -2.71 -10.11 3.41
N LYS A 299 -1.48 -10.53 3.70
CA LYS A 299 -1.02 -10.63 5.07
C LYS A 299 -0.69 -9.23 5.55
N ASN A 300 -1.23 -8.84 6.70
CA ASN A 300 -0.99 -7.52 7.25
C ASN A 300 -0.37 -7.61 8.64
N TRP A 301 0.70 -6.84 8.84
CA TRP A 301 1.43 -6.86 10.09
C TRP A 301 1.74 -5.43 10.55
N GLY A 302 2.41 -5.30 11.68
CA GLY A 302 2.82 -3.99 12.15
C GLY A 302 3.74 -4.15 13.34
N THR A 303 4.96 -4.57 13.07
CA THR A 303 5.89 -4.97 14.11
C THR A 303 7.28 -4.49 13.74
N SER A 304 8.23 -4.73 14.63
CA SER A 304 9.61 -4.34 14.39
C SER A 304 10.41 -5.62 14.17
N VAL A 305 11.44 -5.53 13.33
CA VAL A 305 12.13 -6.70 12.87
C VAL A 305 13.61 -6.36 12.84
N ILE A 306 14.43 -7.29 13.32
CA ILE A 306 15.87 -7.08 13.40
C ILE A 306 16.58 -7.89 12.33
N SER A 307 17.37 -7.19 11.52
CA SER A 307 18.23 -7.86 10.54
C SER A 307 19.65 -7.94 11.09
N THR A 308 20.41 -8.86 10.54
CA THR A 308 21.79 -9.07 10.93
C THR A 308 22.57 -9.38 9.67
N SER A 309 23.70 -8.70 9.46
CA SER A 309 24.48 -8.88 8.24
C SER A 309 25.86 -8.26 8.29
N GLU A 310 26.79 -8.87 7.53
CA GLU A 310 28.14 -8.35 7.41
C GLU A 310 28.22 -7.19 6.43
N TYR A 311 27.11 -6.88 5.77
CA TYR A 311 27.09 -5.77 4.83
C TYR A 311 25.79 -4.98 4.91
N SER A 312 25.90 -3.67 4.71
CA SER A 312 24.78 -2.75 4.83
C SER A 312 23.59 -3.16 3.97
N ILE A 313 22.40 -2.77 4.38
CA ILE A 313 21.19 -3.00 3.58
C ILE A 313 20.96 -1.82 2.64
N PHE A 314 21.52 -0.66 2.98
CA PHE A 314 21.58 0.45 2.03
C PHE A 314 22.71 0.25 1.03
N ASN A 315 23.13 -1.00 0.87
CA ASN A 315 24.13 -1.40 -0.10
C ASN A 315 23.40 -2.31 -1.08
N ASP A 316 23.24 -1.82 -2.31
CA ASP A 316 22.31 -2.36 -3.31
C ASP A 316 20.88 -1.88 -3.05
N SER A 317 20.72 -0.60 -2.73
CA SER A 317 19.40 0.01 -2.63
C SER A 317 19.37 1.35 -3.36
N ALA A 318 18.17 1.81 -3.68
CA ALA A 318 17.98 3.10 -4.34
C ALA A 318 18.51 4.24 -3.48
N GLN A 319 18.90 5.34 -4.12
CA GLN A 319 19.24 6.56 -3.40
C GLN A 319 17.96 7.33 -3.07
N ASN A 320 17.18 6.78 -2.15
CA ASN A 320 15.90 7.36 -1.75
C ASN A 320 15.92 7.75 -0.28
N ASP A 321 15.36 8.92 0.03
CA ASP A 321 15.26 9.37 1.41
C ASP A 321 14.30 8.49 2.18
N GLY A 322 13.14 8.21 1.59
CA GLY A 322 12.10 7.41 2.25
C GLY A 322 12.58 6.04 2.72
N LEU A 323 13.77 5.65 2.29
CA LEU A 323 14.36 4.37 2.66
C LEU A 323 15.13 4.50 3.97
N ARG A 324 15.94 5.55 4.08
CA ARG A 324 16.73 5.82 5.28
C ARG A 324 15.85 6.19 6.48
N VAL A 325 14.58 6.50 6.23
CA VAL A 325 13.71 7.03 7.28
C VAL A 325 13.03 5.94 8.09
N ARG A 326 12.53 4.91 7.42
CA ARG A 326 11.81 3.83 8.11
C ARG A 326 12.77 2.70 8.48
N THR A 327 14.07 2.98 8.40
CA THR A 327 15.10 2.03 8.82
C THR A 327 16.18 2.71 9.66
N ILE A 328 16.59 2.04 10.73
CA ILE A 328 17.74 2.47 11.52
C ILE A 328 18.78 1.34 11.59
N GLU A 329 20.01 1.67 11.21
CA GLU A 329 21.09 0.70 11.11
C GLU A 329 22.23 1.02 12.08
N ILE A 330 22.47 0.08 12.99
CA ILE A 330 23.56 0.22 13.95
C ILE A 330 24.80 -0.50 13.41
N ASN A 331 25.83 0.27 13.10
CA ASN A 331 27.10 -0.27 12.62
C ASN A 331 28.16 -0.12 13.71
N GLU A 332 27.88 -0.73 14.86
CA GLU A 332 28.80 -0.70 16.00
C GLU A 332 28.84 -2.07 16.67
N GLN A 333 29.97 -2.39 17.29
CA GLN A 333 30.10 -3.62 18.04
C GLN A 333 29.18 -3.57 19.26
N PHE A 334 28.42 -4.66 19.47
CA PHE A 334 27.48 -4.72 20.58
C PHE A 334 28.14 -5.29 21.85
N THR A 335 28.81 -6.44 21.71
CA THR A 335 29.43 -7.10 22.84
C THR A 335 30.89 -6.69 23.04
N THR A 336 31.31 -6.62 24.30
CA THR A 336 32.62 -6.11 24.65
C THR A 336 33.74 -7.11 24.36
N ASN A 337 33.50 -8.38 24.69
CA ASN A 337 34.48 -9.44 24.45
C ASN A 337 33.78 -10.71 23.98
N ALA A 338 34.58 -11.73 23.67
CA ALA A 338 34.05 -12.97 23.10
C ALA A 338 33.19 -13.77 24.09
N THR A 339 33.47 -13.60 25.39
CA THR A 339 32.76 -14.34 26.43
C THR A 339 31.42 -13.68 26.73
N ASN A 340 31.43 -12.36 26.72
CA ASN A 340 30.23 -11.54 26.88
C ASN A 340 29.12 -12.06 25.97
N ALA A 341 29.46 -12.28 24.70
CA ALA A 341 28.51 -12.82 23.73
C ALA A 341 28.01 -14.23 24.10
N ASP A 342 28.98 -15.13 24.32
CA ASP A 342 28.69 -16.53 24.62
C ASP A 342 27.85 -16.73 25.87
N ASN A 343 28.02 -15.84 26.85
CA ASN A 343 27.21 -15.90 28.07
C ASN A 343 25.76 -15.50 27.77
N ILE A 344 25.59 -14.45 26.99
CA ILE A 344 24.28 -13.97 26.60
C ILE A 344 23.52 -15.03 25.81
N LYS A 345 24.12 -15.54 24.73
CA LYS A 345 23.47 -16.55 23.91
C LYS A 345 22.93 -17.67 24.78
N LYS A 346 23.79 -18.13 25.70
CA LYS A 346 23.45 -19.23 26.60
C LYS A 346 22.34 -18.83 27.55
N ALA A 347 22.39 -17.60 28.05
CA ALA A 347 21.39 -17.15 29.00
C ALA A 347 20.01 -17.06 28.35
N VAL A 348 19.94 -16.51 27.14
CA VAL A 348 18.65 -16.33 26.49
C VAL A 348 18.11 -17.65 25.92
N ALA A 349 18.99 -18.52 25.44
CA ALA A 349 18.54 -19.84 24.99
C ALA A 349 17.82 -20.62 26.09
N LEU A 350 18.20 -20.37 27.34
CA LEU A 350 17.64 -21.09 28.49
C LEU A 350 16.54 -20.32 29.22
N ASN A 351 16.56 -19.00 29.10
CA ASN A 351 15.55 -18.17 29.77
C ASN A 351 15.04 -17.06 28.84
N TYR A 352 13.77 -17.15 28.48
CA TYR A 352 13.16 -16.18 27.56
C TYR A 352 11.66 -16.03 27.78
N GLY A 353 11.12 -14.89 27.35
CA GLY A 353 9.69 -14.67 27.31
C GLY A 353 9.08 -14.05 28.57
N HIS A 354 9.92 -13.46 29.42
CA HIS A 354 9.49 -12.97 30.73
C HIS A 354 9.28 -11.46 30.81
N VAL A 355 9.97 -10.71 29.95
CA VAL A 355 9.96 -9.24 30.01
C VAL A 355 8.75 -8.60 29.33
N LEU A 356 8.45 -9.04 28.11
CA LEU A 356 7.42 -8.39 27.33
C LEU A 356 6.02 -8.53 27.95
N PRO A 357 5.73 -9.65 28.62
CA PRO A 357 4.45 -9.69 29.34
C PRO A 357 4.34 -8.57 30.37
N LEU A 358 5.45 -8.29 31.05
CA LEU A 358 5.50 -7.19 32.00
C LEU A 358 5.25 -5.89 31.27
N VAL A 359 5.96 -5.67 30.16
CA VAL A 359 5.72 -4.46 29.37
C VAL A 359 4.25 -4.35 28.96
N ALA A 360 3.63 -5.49 28.64
CA ALA A 360 2.22 -5.51 28.24
C ALA A 360 1.32 -5.04 29.37
N LYS A 361 1.50 -5.63 30.55
CA LYS A 361 0.71 -5.21 31.71
C LYS A 361 0.94 -3.74 32.02
N TYR A 362 2.19 -3.29 31.93
CA TYR A 362 2.49 -1.88 32.17
C TYR A 362 1.74 -0.98 31.20
N LEU A 363 1.80 -1.31 29.90
CA LEU A 363 1.04 -0.56 28.90
C LEU A 363 -0.44 -0.51 29.26
N ILE A 364 -0.99 -1.67 29.65
CA ILE A 364 -2.42 -1.72 29.98
C ILE A 364 -2.79 -0.92 31.23
N ASN A 365 -1.99 -1.02 32.30
CA ASN A 365 -2.33 -0.35 33.55
C ASN A 365 -1.82 1.08 33.68
N ARG A 366 -0.98 1.52 32.74
CA ARG A 366 -0.38 2.85 32.80
C ARG A 366 -0.43 3.53 31.44
N GLU A 367 -1.56 3.38 30.76
CA GLU A 367 -1.74 3.86 29.40
C GLU A 367 -1.46 5.38 29.26
N ASP A 368 -2.23 6.20 29.99
CA ASP A 368 -2.08 7.66 29.93
C ASP A 368 -0.66 8.09 30.29
N GLU A 369 -0.10 7.43 31.30
CA GLU A 369 1.23 7.73 31.78
C GLU A 369 2.27 7.56 30.67
N VAL A 370 2.15 6.48 29.91
CA VAL A 370 3.08 6.22 28.82
C VAL A 370 2.87 7.24 27.72
N ILE A 371 1.62 7.53 27.38
CA ILE A 371 1.37 8.51 26.32
C ILE A 371 1.98 9.88 26.68
N GLN A 372 1.84 10.30 27.94
CA GLN A 372 2.44 11.57 28.37
C GLN A 372 3.98 11.50 28.36
N TRP A 373 4.52 10.39 28.84
CA TRP A 373 5.96 10.14 28.70
C TRP A 373 6.44 10.34 27.26
N PHE A 374 5.72 9.70 26.34
CA PHE A 374 6.05 9.77 24.94
C PHE A 374 6.05 11.21 24.46
N TYR A 375 4.99 11.94 24.79
CA TYR A 375 4.94 13.36 24.44
C TYR A 375 6.16 14.11 24.96
N LYS A 376 6.52 13.87 26.23
CA LYS A 376 7.69 14.52 26.82
C LYS A 376 8.93 14.25 25.97
N GLU A 377 9.12 13.00 25.55
CA GLU A 377 10.27 12.68 24.70
C GLU A 377 10.21 13.32 23.31
N VAL A 378 9.04 13.32 22.67
CA VAL A 378 8.95 13.92 21.34
C VAL A 378 9.30 15.40 21.43
N ASP A 379 8.78 16.08 22.45
CA ASP A 379 9.06 17.51 22.58
C ASP A 379 10.52 17.75 22.90
N TRP A 380 11.10 16.91 23.76
CA TRP A 380 12.54 17.01 24.01
C TRP A 380 13.35 16.92 22.72
N PHE A 381 13.06 15.93 21.88
CA PHE A 381 13.81 15.80 20.64
C PHE A 381 13.56 16.95 19.68
N GLU A 382 12.30 17.37 19.57
CA GLU A 382 11.98 18.54 18.76
C GLU A 382 12.82 19.73 19.19
N ALA A 383 12.90 19.94 20.50
CA ALA A 383 13.66 21.07 21.05
C ALA A 383 15.16 20.91 20.78
N LYS A 384 15.67 19.71 20.97
CA LYS A 384 17.10 19.47 20.78
C LYS A 384 17.54 19.45 19.31
N LEU A 385 16.58 19.35 18.40
CA LEU A 385 16.87 19.35 16.97
C LEU A 385 15.96 20.33 16.23
N LYS A 386 15.90 21.57 16.70
CA LYS A 386 15.02 22.57 16.10
C LYS A 386 15.67 23.28 14.91
N ASP A 387 16.80 22.76 14.45
CA ASP A 387 17.50 23.34 13.30
C ASP A 387 17.25 22.52 12.04
N GLU A 388 16.61 21.37 12.18
CA GLU A 388 16.33 20.53 11.03
C GLU A 388 15.21 21.11 10.19
N THR A 389 15.58 21.54 8.98
CA THR A 389 14.61 22.04 8.01
C THR A 389 14.08 20.87 7.17
N ASN A 390 14.99 19.94 6.87
CA ASN A 390 14.67 18.74 6.11
C ASN A 390 13.48 17.97 6.69
N ASN A 391 12.37 17.94 5.95
CA ASN A 391 11.19 17.18 6.35
C ASN A 391 11.53 15.77 6.84
N THR A 392 12.36 15.07 6.08
CA THR A 392 12.70 13.68 6.36
C THR A 392 13.44 13.49 7.68
N GLY A 393 14.03 14.56 8.19
CA GLY A 393 14.77 14.51 9.45
C GLY A 393 13.86 14.69 10.64
N ILE A 394 12.86 15.55 10.48
CA ILE A 394 11.85 15.77 11.50
C ILE A 394 11.03 14.51 11.69
N ARG A 395 11.00 13.67 10.66
CA ARG A 395 10.19 12.47 10.64
C ARG A 395 10.80 11.40 11.55
N PHE A 397 12.01 12.16 14.51
CA PHE A 397 11.81 12.62 15.88
C PHE A 397 10.92 11.68 16.68
N LYS A 398 9.71 11.43 16.19
CA LYS A 398 8.81 10.53 16.90
C LYS A 398 9.34 9.10 16.94
N ARG A 399 10.25 8.76 16.03
CA ARG A 399 10.88 7.43 16.06
C ARG A 399 11.92 7.27 17.18
N TYR A 400 12.82 8.24 17.32
CA TYR A 400 13.77 8.21 18.44
C TYR A 400 13.01 8.16 19.77
N ALA A 401 11.83 8.77 19.77
CA ALA A 401 11.08 9.01 20.99
C ALA A 401 10.18 7.84 21.41
N VAL A 402 9.98 6.85 20.53
CA VAL A 402 9.31 5.63 20.95
C VAL A 402 10.35 4.73 21.60
N ILE A 403 11.59 4.85 21.13
CA ILE A 403 12.69 4.04 21.64
C ILE A 403 13.06 4.50 23.05
N THR A 404 13.25 5.81 23.23
CA THR A 404 13.53 6.30 24.60
C THR A 404 12.35 6.00 25.54
N THR A 405 11.13 6.24 25.07
CA THR A 405 9.94 5.89 25.83
C THR A 405 9.94 4.42 26.20
N SER A 406 10.37 3.57 25.27
CA SER A 406 10.44 2.14 25.55
C SER A 406 11.52 1.86 26.60
N ALA A 407 12.62 2.59 26.53
CA ALA A 407 13.67 2.48 27.54
C ALA A 407 13.15 2.80 28.95
N LYS A 408 12.43 3.91 29.10
CA LYS A 408 11.84 4.24 30.40
C LYS A 408 10.98 3.10 30.97
N ILE A 409 10.17 2.48 30.11
CA ILE A 409 9.30 1.40 30.54
C ILE A 409 10.15 0.19 30.92
N LEU A 410 11.16 -0.10 30.12
CA LEU A 410 12.09 -1.19 30.45
C LEU A 410 12.67 -0.92 31.84
N GLY A 411 13.07 0.32 32.08
CA GLY A 411 13.59 0.74 33.37
C GLY A 411 12.64 0.44 34.51
N ARG A 412 11.39 0.89 34.40
CA ARG A 412 10.41 0.58 35.46
C ARG A 412 10.19 -0.92 35.60
N VAL A 413 10.03 -1.59 34.46
CA VAL A 413 9.64 -2.99 34.42
C VAL A 413 10.68 -3.91 35.06
N LEU A 414 11.96 -3.70 34.74
CA LEU A 414 13.03 -4.49 35.34
C LEU A 414 13.37 -4.00 36.75
N SER A 415 12.80 -2.87 37.14
CA SER A 415 13.16 -2.21 38.39
C SER A 415 14.66 -2.00 38.46
N THR A 416 15.21 -1.39 37.41
CA THR A 416 16.64 -1.08 37.36
C THR A 416 16.86 0.27 36.71
N ASP A 417 18.01 0.88 37.00
CA ASP A 417 18.31 2.21 36.50
C ASP A 417 18.90 2.10 35.11
N ILE A 418 18.32 2.86 34.17
CA ILE A 418 18.81 2.92 32.81
C ILE A 418 19.02 4.38 32.45
N ASP A 419 20.25 4.73 32.06
CA ASP A 419 20.59 6.10 31.80
C ASP A 419 19.92 6.57 30.52
N ILE A 420 18.86 7.35 30.69
CA ILE A 420 18.04 7.79 29.57
C ILE A 420 18.76 8.87 28.77
N ALA A 421 19.58 9.64 29.47
CA ALA A 421 20.42 10.66 28.83
C ALA A 421 21.29 10.06 27.73
N ASN A 422 21.92 8.92 28.03
CA ASN A 422 22.88 8.31 27.11
C ASN A 422 22.18 7.78 25.86
N ILE A 423 20.92 7.36 26.04
CA ILE A 423 20.13 6.83 24.94
C ILE A 423 19.56 7.97 24.10
N ARG A 424 19.13 9.04 24.76
CA ARG A 424 18.78 10.26 24.03
C ARG A 424 19.96 10.75 23.18
N ASP A 425 21.10 10.97 23.83
CA ASP A 425 22.25 11.54 23.15
C ASP A 425 22.79 10.60 22.07
N TYR A 426 22.76 9.29 22.32
CA TYR A 426 23.16 8.35 21.28
C TYR A 426 22.41 8.62 19.98
N PHE A 427 21.12 8.93 20.10
CA PHE A 427 20.28 9.17 18.93
C PHE A 427 20.41 10.58 18.39
N ILE A 428 20.61 11.57 19.26
CA ILE A 428 20.95 12.90 18.74
C ILE A 428 22.21 12.79 17.90
N ASP A 429 23.13 11.93 18.35
CA ASP A 429 24.39 11.73 17.66
C ASP A 429 24.21 10.82 16.46
N TYR A 430 23.27 9.89 16.55
CA TYR A 430 22.88 9.09 15.39
C TYR A 430 22.36 10.01 14.30
N HIS A 431 21.54 10.97 14.73
CA HIS A 431 20.91 11.91 13.83
C HIS A 431 21.96 12.76 13.12
N THR A 432 22.71 13.53 13.90
CA THR A 432 23.69 14.46 13.34
C THR A 432 24.71 13.82 12.38
N HIS A 433 25.02 12.54 12.58
CA HIS A 433 25.97 11.84 11.71
C HIS A 433 25.26 11.09 10.58
N THR A 434 23.94 11.24 10.51
CA THR A 434 23.14 10.65 9.43
C THR A 434 22.37 11.76 8.69
N VAL A 435 22.71 13.03 8.98
CA VAL A 435 22.02 14.14 8.35
C VAL A 435 22.23 14.16 6.84
N SER A 436 23.48 14.04 6.39
CA SER A 436 23.79 14.13 4.98
C SER A 436 23.27 12.94 4.18
N GLU A 437 22.70 11.94 4.85
CA GLU A 437 22.19 10.75 4.18
C GLU A 437 20.67 10.85 4.02
N ARG A 438 20.08 11.86 4.65
CA ARG A 438 18.66 12.17 4.45
C ARG A 438 18.50 13.36 3.51
N SER A 439 19.59 13.75 2.87
CA SER A 439 19.62 14.93 2.00
C SER A 439 20.06 14.57 0.58
N LEU A 440 19.09 14.49 -0.33
CA LEU A 440 19.35 14.21 -1.74
C LEU A 440 20.53 15.04 -2.27
N ALA A 441 20.48 16.34 -1.97
CA ALA A 441 21.52 17.28 -2.37
C ALA A 441 22.92 16.85 -1.93
N ASP A 442 23.06 16.50 -0.65
CA ASP A 442 24.36 16.16 -0.09
C ASP A 442 24.96 14.90 -0.72
N LYS A 443 24.13 13.90 -0.95
CA LYS A 443 24.58 12.69 -1.64
C LYS A 443 24.96 13.02 -3.09
N ALA A 444 24.11 13.83 -3.73
CA ALA A 444 24.28 14.14 -5.15
C ALA A 444 25.52 15.02 -5.45
N ILE A 445 25.70 16.09 -4.70
CA ILE A 445 26.87 16.94 -4.95
C ILE A 445 28.14 16.12 -4.74
N ASP A 446 28.00 15.09 -3.92
CA ASP A 446 29.12 14.24 -3.56
C ASP A 446 29.45 13.35 -4.75
N VAL A 447 28.45 12.68 -5.33
CA VAL A 447 28.72 11.93 -6.56
C VAL A 447 29.27 12.87 -7.67
N ILE A 448 28.71 14.08 -7.76
CA ILE A 448 29.11 15.01 -8.81
C ILE A 448 30.57 15.46 -8.77
N ILE A 449 31.06 15.91 -7.61
CA ILE A 449 32.47 16.34 -7.53
C ILE A 449 33.41 15.23 -8.04
N GLN A 450 33.11 13.99 -7.69
CA GLN A 450 33.93 12.87 -8.10
C GLN A 450 33.73 12.55 -9.57
N PHE A 451 32.52 12.75 -10.07
CA PHE A 451 32.27 12.58 -11.50
C PHE A 451 33.10 13.56 -12.32
N VAL A 452 33.15 14.81 -11.88
CA VAL A 452 33.98 15.80 -12.56
C VAL A 452 35.45 15.39 -12.45
N ALA A 453 35.89 15.08 -11.25
CA ALA A 453 37.28 14.65 -11.03
C ALA A 453 37.66 13.48 -11.92
N GLN A 454 36.79 12.47 -11.97
CA GLN A 454 37.06 11.24 -12.71
C GLN A 454 37.03 11.50 -14.20
N ASN A 455 36.11 12.34 -14.64
CA ASN A 455 35.95 12.62 -16.06
C ASN A 455 36.38 14.03 -16.48
N ARG A 456 37.21 14.67 -15.65
CA ARG A 456 37.88 15.92 -16.01
C ARG A 456 38.32 16.03 -17.48
N GLY A 457 38.79 14.93 -18.05
CA GLY A 457 39.26 14.92 -19.44
C GLY A 457 38.24 15.39 -20.47
N LYS A 458 36.96 15.34 -20.10
CA LYS A 458 35.87 15.63 -21.03
C LYS A 458 35.21 16.97 -20.75
N PHE A 459 35.83 17.75 -19.86
CA PHE A 459 35.40 19.12 -19.60
C PHE A 459 36.42 20.10 -20.15
N SER A 460 36.01 20.91 -21.11
CA SER A 460 36.91 21.88 -21.74
C SER A 460 36.89 23.19 -20.95
N ASP A 461 37.95 23.96 -21.08
CA ASP A 461 38.14 25.16 -20.28
C ASP A 461 37.74 26.42 -21.02
N GLU A 462 38.15 26.50 -22.28
CA GLU A 462 38.06 27.74 -23.05
C GLU A 462 36.73 27.89 -23.79
N GLY A 463 35.64 27.46 -23.17
CA GLY A 463 34.30 27.78 -23.62
C GLY A 463 33.73 26.94 -24.74
N ALA A 464 34.59 26.18 -25.43
CA ALA A 464 34.14 25.38 -26.58
C ALA A 464 34.33 23.88 -26.33
N LEU A 465 33.38 23.08 -26.83
CA LEU A 465 33.40 21.64 -26.64
C LEU A 465 34.35 20.95 -27.61
N LYS A 466 35.64 21.03 -27.32
CA LYS A 466 36.68 20.52 -28.22
C LYS A 466 37.35 19.27 -27.66
N ASN A 467 36.55 18.36 -27.11
CA ASN A 467 36.98 16.99 -26.87
C ASN A 467 36.50 16.13 -28.04
N PHE A 469 36.48 13.01 -28.62
CA PHE A 469 35.93 11.68 -28.34
C PHE A 469 34.57 11.72 -27.65
N GLU A 470 34.46 12.54 -26.61
CA GLU A 470 33.19 12.69 -25.90
C GLU A 470 33.23 13.90 -24.96
N ASN A 471 32.19 14.73 -25.03
CA ASN A 471 32.10 15.96 -24.24
C ASN A 471 31.03 15.88 -23.17
N TYR A 472 31.41 16.17 -21.93
CA TYR A 472 30.46 16.19 -20.82
C TYR A 472 30.08 17.62 -20.45
N GLY A 473 30.99 18.57 -20.65
CA GLY A 473 30.66 19.94 -20.33
C GLY A 473 31.78 20.95 -20.44
N LEU A 474 31.67 21.99 -19.62
CA LEU A 474 32.61 23.10 -19.62
C LEU A 474 32.93 23.46 -18.16
N ILE A 475 34.21 23.69 -17.88
CA ILE A 475 34.65 24.00 -16.51
C ILE A 475 35.41 25.32 -16.47
N SER A 476 35.13 26.12 -15.44
CA SER A 476 35.72 27.44 -15.32
C SER A 476 35.98 27.83 -13.86
N LEU A 477 37.22 28.20 -13.58
CA LEU A 477 37.62 28.68 -12.25
C LEU A 477 37.05 30.07 -11.99
N LYS A 478 36.19 30.22 -10.99
CA LYS A 478 35.56 31.51 -10.71
C LYS A 478 35.96 31.98 -9.31
N ASP A 479 35.49 33.17 -8.93
CA ASP A 479 35.91 33.78 -7.68
C ASP A 479 35.26 33.10 -6.48
N ASP A 480 36.05 32.29 -5.78
CA ASP A 480 35.60 31.52 -4.64
C ASP A 480 34.44 30.59 -5.01
N HIS A 481 34.43 30.16 -6.27
CA HIS A 481 33.63 29.01 -6.69
C HIS A 481 34.12 28.54 -8.07
N ILE A 482 33.82 27.29 -8.40
CA ILE A 482 34.15 26.75 -9.72
C ILE A 482 32.87 26.50 -10.48
N GLU A 483 32.76 27.08 -11.66
CA GLU A 483 31.60 26.87 -12.51
C GLU A 483 31.83 25.61 -13.34
N VAL A 484 30.98 24.62 -13.12
CA VAL A 484 30.94 23.44 -13.97
C VAL A 484 29.60 23.41 -14.67
N LYS A 485 29.63 23.67 -15.97
CA LYS A 485 28.46 23.48 -16.81
C LYS A 485 28.48 22.04 -17.31
N ILE A 486 27.44 21.27 -17.01
CA ILE A 486 27.40 19.87 -17.47
C ILE A 486 26.14 19.59 -18.28
N ILE A 487 26.34 18.99 -19.44
CA ILE A 487 25.25 18.60 -20.33
C ILE A 487 24.20 17.79 -19.58
N ALA A 488 22.94 18.14 -19.81
CA ALA A 488 21.82 17.53 -19.10
C ALA A 488 21.79 16.00 -19.18
N ASN A 489 21.72 15.46 -20.39
CA ASN A 489 21.72 14.02 -20.60
C ASN A 489 22.78 13.31 -19.77
N VAL A 490 23.99 13.87 -19.79
CA VAL A 490 25.12 13.30 -19.07
C VAL A 490 24.82 13.32 -17.58
N PHE A 491 24.18 14.40 -17.15
CA PHE A 491 23.80 14.58 -15.75
C PHE A 491 22.74 13.55 -15.35
N LYS A 492 21.78 13.29 -16.24
CA LYS A 492 20.75 12.29 -15.97
C LYS A 492 21.38 10.90 -15.87
N GLN A 493 22.22 10.58 -16.85
CA GLN A 493 22.85 9.28 -16.92
C GLN A 493 23.73 9.03 -15.71
N LEU A 495 23.34 10.12 -12.83
CA LEU A 495 22.47 9.90 -11.68
C LEU A 495 21.87 8.51 -11.69
N ASN A 496 21.38 8.06 -12.84
CA ASN A 496 20.91 6.68 -12.92
C ASN A 496 22.00 5.69 -12.54
N ASN A 497 23.23 5.97 -12.96
CA ASN A 497 24.35 5.07 -12.75
C ASN A 497 24.78 5.00 -11.28
N HIS A 498 24.50 6.04 -10.52
CA HIS A 498 24.75 6.03 -9.06
C HIS A 498 23.45 5.78 -8.31
N GLN A 499 22.47 5.22 -9.00
CA GLN A 499 21.21 4.78 -8.39
C GLN A 499 20.40 5.90 -7.73
N PHE A 500 20.42 7.09 -8.33
CA PHE A 500 19.36 8.05 -8.11
C PHE A 500 18.27 7.63 -9.10
N GLN A 501 17.02 7.99 -8.84
CA GLN A 501 15.93 7.48 -9.67
C GLN A 501 14.91 8.55 -10.03
N ASP A 502 15.26 9.81 -9.75
CA ASP A 502 14.52 10.96 -10.28
C ASP A 502 15.44 12.17 -10.31
N VAL A 503 15.59 12.74 -11.51
CA VAL A 503 16.49 13.88 -11.70
C VAL A 503 15.97 15.13 -10.99
N ASN A 504 14.79 15.59 -11.41
CA ASN A 504 14.17 16.81 -10.86
C ASN A 504 14.26 16.95 -9.34
N ASN A 505 14.03 15.83 -8.65
CA ASN A 505 14.08 15.82 -7.20
C ASN A 505 15.47 16.26 -6.75
N VAL A 506 16.47 15.63 -7.34
CA VAL A 506 17.85 15.95 -7.04
C VAL A 506 18.14 17.39 -7.45
N VAL A 507 17.70 17.79 -8.64
CA VAL A 507 17.96 19.15 -9.12
C VAL A 507 17.44 20.22 -8.16
N ASN A 508 16.15 20.20 -7.85
CA ASN A 508 15.63 21.21 -6.92
C ASN A 508 16.30 21.08 -5.54
N ALA A 509 16.48 19.84 -5.09
CA ALA A 509 17.21 19.62 -3.84
C ALA A 509 18.55 20.35 -3.88
N LEU A 510 19.25 20.21 -5.00
CA LEU A 510 20.54 20.86 -5.17
C LEU A 510 20.38 22.37 -5.19
N ARG A 511 19.34 22.85 -5.87
CA ARG A 511 19.11 24.28 -6.01
C ARG A 511 18.80 24.96 -4.69
N ASP A 512 18.10 24.27 -3.79
CA ASP A 512 17.71 24.88 -2.52
C ASP A 512 18.92 25.28 -1.67
N LYS A 513 19.97 24.47 -1.69
CA LYS A 513 21.21 24.80 -0.98
C LYS A 513 22.12 25.68 -1.83
N GLY A 514 21.62 26.12 -2.97
CA GLY A 514 22.41 26.93 -3.88
C GLY A 514 23.58 26.19 -4.48
N PHE A 515 23.33 25.02 -5.06
CA PHE A 515 24.36 24.25 -5.77
C PHE A 515 24.20 24.51 -7.25
N ILE A 516 22.97 24.36 -7.74
CA ILE A 516 22.58 24.95 -9.01
C ILE A 516 22.05 26.31 -8.60
N LEU A 517 22.12 27.28 -9.52
CA LEU A 517 21.81 28.65 -9.16
C LEU A 517 20.40 29.06 -9.59
N ALA A 518 20.13 30.36 -9.47
CA ALA A 518 18.79 30.88 -9.72
C ALA A 518 18.60 31.24 -11.20
N ASP A 519 17.77 30.46 -11.88
CA ASP A 519 17.30 30.75 -13.24
C ASP A 519 18.37 30.75 -14.33
N ARG A 520 19.55 30.19 -14.06
CA ARG A 520 20.54 29.97 -15.12
C ARG A 520 20.85 28.48 -15.24
N GLY A 521 20.19 27.83 -16.20
CA GLY A 521 20.35 26.41 -16.43
C GLY A 521 19.03 25.79 -16.85
N ARG A 522 19.00 24.46 -16.93
CA ARG A 522 17.80 23.72 -17.32
C ARG A 522 17.12 23.10 -16.10
N GLN A 523 16.33 23.88 -15.38
CA GLN A 523 15.85 23.46 -14.06
C GLN A 523 14.62 22.55 -14.11
N THR A 524 13.82 22.60 -13.06
CA THR A 524 12.77 21.62 -12.80
C THR A 524 11.44 22.06 -13.43
N THR A 525 10.87 23.15 -12.93
CA THR A 525 9.82 23.89 -13.66
C THR A 525 10.05 25.38 -13.48
N VAL A 540 20.05 22.91 -21.96
CA VAL A 540 21.34 22.72 -22.60
C VAL A 540 22.35 22.19 -21.59
N PHE A 541 22.62 22.99 -20.57
CA PHE A 541 23.50 22.61 -19.45
C PHE A 541 22.77 22.73 -18.12
N TYR A 542 23.24 22.00 -17.12
CA TYR A 542 23.03 22.38 -15.74
C TYR A 542 24.27 23.16 -15.30
N HIS A 543 24.05 24.27 -14.61
CA HIS A 543 25.12 25.18 -14.21
C HIS A 543 25.49 25.00 -12.74
N LEU A 544 26.44 24.11 -12.45
CA LEU A 544 26.81 23.80 -11.07
C LEU A 544 27.96 24.65 -10.54
N LYS A 545 27.85 25.04 -9.27
CA LYS A 545 28.94 25.73 -8.58
C LYS A 545 29.56 24.81 -7.53
N LEU A 546 30.87 24.61 -7.64
CA LEU A 546 31.60 23.74 -6.73
C LEU A 546 32.60 24.54 -5.91
N ASP A 547 32.92 24.06 -4.70
CA ASP A 547 33.84 24.79 -3.82
C ASP A 547 35.16 25.09 -4.51
N VAL A 548 35.62 26.33 -4.36
CA VAL A 548 36.75 26.84 -5.12
C VAL A 548 38.03 26.02 -4.96
N GLU A 549 38.43 25.73 -3.71
CA GLU A 549 39.74 25.14 -3.48
C GLU A 549 39.90 23.69 -3.95
N PHE A 550 38.92 23.18 -4.71
CA PHE A 550 39.16 22.00 -5.52
C PHE A 550 39.98 22.34 -6.76
N ALA A 551 40.28 23.62 -6.95
CA ALA A 551 40.83 24.11 -8.21
C ALA A 551 42.19 23.52 -8.57
N SER A 552 42.99 23.18 -7.57
CA SER A 552 44.32 22.63 -7.83
C SER A 552 44.20 21.26 -8.51
N ILE A 553 43.47 20.36 -7.88
CA ILE A 553 43.36 18.99 -8.35
C ILE A 553 42.61 18.88 -9.67
N LEU A 554 41.72 19.83 -9.93
CA LEU A 554 40.98 19.88 -11.19
C LEU A 554 41.77 20.62 -12.28
N GLY A 555 43.04 20.88 -12.00
CA GLY A 555 43.94 21.45 -12.99
C GLY A 555 43.56 22.86 -13.42
N LEU A 556 42.76 23.53 -12.61
CA LEU A 556 42.44 24.93 -12.84
C LEU A 556 43.58 25.85 -12.40
N THR B 4 -44.95 -21.14 9.23
CA THR B 4 -44.79 -21.95 8.03
C THR B 4 -44.52 -21.06 6.83
N LEU B 5 -43.24 -20.74 6.65
CA LEU B 5 -42.82 -19.77 5.65
C LEU B 5 -42.88 -20.30 4.21
N PHE B 6 -42.83 -21.62 4.04
CA PHE B 6 -42.97 -22.17 2.68
C PHE B 6 -43.40 -23.64 2.63
N GLU B 7 -44.15 -24.00 1.57
CA GLU B 7 -44.55 -25.39 1.38
C GLU B 7 -44.63 -25.83 -0.07
N ILE B 8 -44.18 -27.07 -0.32
CA ILE B 8 -44.45 -27.78 -1.56
C ILE B 8 -44.55 -29.24 -1.25
N GLY B 9 -45.52 -29.92 -1.87
CA GLY B 9 -45.69 -31.35 -1.71
C GLY B 9 -45.55 -31.77 -0.25
N PRO B 10 -44.67 -32.75 0.03
CA PRO B 10 -44.46 -33.15 1.42
C PRO B 10 -43.43 -32.29 2.18
N PHE B 11 -42.79 -31.33 1.52
CA PHE B 11 -41.75 -30.52 2.17
C PHE B 11 -42.28 -29.18 2.66
N ALA B 12 -41.88 -28.84 3.89
CA ALA B 12 -42.34 -27.63 4.54
C ALA B 12 -41.20 -26.93 5.29
N LEU B 13 -41.20 -25.61 5.19
CA LEU B 13 -40.24 -24.72 5.83
C LEU B 13 -40.93 -23.81 6.83
N ASP B 14 -40.59 -24.00 8.10
CA ASP B 14 -41.03 -23.14 9.20
C ASP B 14 -39.80 -22.49 9.85
N SER B 15 -40.03 -21.63 10.84
CA SER B 15 -38.95 -20.81 11.41
C SER B 15 -37.95 -21.63 12.22
N PHE B 16 -38.13 -22.93 12.25
CA PHE B 16 -37.22 -23.84 12.95
C PHE B 16 -36.52 -24.73 11.96
N GLY B 17 -36.99 -24.75 10.71
CA GLY B 17 -36.27 -25.43 9.65
C GLY B 17 -37.12 -26.10 8.59
N TRP B 18 -36.49 -27.08 7.95
CA TRP B 18 -37.15 -27.88 6.92
C TRP B 18 -37.66 -29.19 7.46
N LYS B 19 -38.73 -29.69 6.84
CA LYS B 19 -39.24 -31.01 7.21
C LYS B 19 -40.03 -31.66 6.07
N GLU B 20 -40.01 -32.99 6.06
CA GLU B 20 -40.76 -33.79 5.09
C GLU B 20 -41.76 -34.68 5.83
N THR B 21 -42.83 -35.07 5.15
CA THR B 21 -43.86 -35.90 5.73
C THR B 21 -44.02 -37.21 4.94
N ILE B 22 -44.28 -38.29 5.66
CA ILE B 22 -44.42 -39.61 5.08
C ILE B 22 -45.38 -40.44 5.94
N PRO B 23 -45.81 -41.62 5.44
CA PRO B 23 -46.64 -42.47 6.31
C PRO B 23 -45.83 -43.15 7.41
N LYS B 32 -44.72 -40.38 9.93
CA LYS B 32 -43.50 -39.75 10.44
C LYS B 32 -43.19 -38.42 9.77
N VAL B 33 -42.89 -37.42 10.60
CA VAL B 33 -42.52 -36.09 10.12
C VAL B 33 -41.12 -35.82 10.66
N VAL B 34 -40.17 -35.70 9.74
CA VAL B 34 -38.75 -35.58 10.09
C VAL B 34 -38.17 -34.22 9.70
N ARG B 35 -37.24 -33.73 10.52
CA ARG B 35 -36.54 -32.48 10.28
C ARG B 35 -35.36 -32.74 9.35
N ALA B 37 -33.24 -29.84 7.92
CA ALA B 37 -32.27 -28.77 7.84
C ALA B 37 -32.67 -27.56 8.65
N SER B 38 -31.67 -26.74 8.98
CA SER B 38 -31.90 -25.42 9.53
C SER B 38 -32.71 -24.63 8.51
N PRO B 39 -33.24 -23.48 8.92
CA PRO B 39 -33.87 -22.61 7.92
C PRO B 39 -32.90 -22.24 6.79
N ILE B 40 -33.21 -22.72 5.58
CA ILE B 40 -32.42 -22.41 4.39
C ILE B 40 -33.37 -21.79 3.37
N ILE B 41 -33.13 -20.52 3.03
CA ILE B 41 -34.07 -19.75 2.22
C ILE B 41 -33.42 -19.22 0.94
N VAL B 42 -34.13 -19.39 -0.17
CA VAL B 42 -33.68 -18.91 -1.48
C VAL B 42 -34.46 -17.65 -1.88
N ASN B 43 -33.78 -16.51 -1.87
CA ASN B 43 -34.44 -15.21 -2.01
C ASN B 43 -34.44 -14.67 -3.44
N ALA B 44 -33.54 -15.15 -4.28
CA ALA B 44 -33.42 -14.63 -5.64
C ALA B 44 -32.43 -15.45 -6.47
N ARG B 45 -32.80 -15.72 -7.72
CA ARG B 45 -31.90 -16.40 -8.64
C ARG B 45 -31.53 -15.47 -9.81
N PHE B 46 -30.35 -15.66 -10.37
CA PHE B 46 -29.90 -14.87 -11.52
C PHE B 46 -29.32 -15.75 -12.61
N SER B 47 -29.40 -15.30 -13.85
CA SER B 47 -28.91 -16.06 -15.01
C SER B 47 -27.90 -15.25 -15.83
N ASP B 48 -26.66 -15.75 -15.89
CA ASP B 48 -25.62 -15.12 -16.69
C ASP B 48 -25.75 -15.55 -18.16
N PRO B 49 -26.02 -14.59 -19.07
CA PRO B 49 -26.33 -14.93 -20.47
C PRO B 49 -25.29 -15.80 -21.20
N ILE B 50 -24.06 -15.32 -21.36
CA ILE B 50 -23.08 -16.04 -22.17
C ILE B 50 -22.69 -17.39 -21.58
N THR B 51 -22.68 -17.48 -20.25
CA THR B 51 -22.25 -18.71 -19.59
C THR B 51 -23.42 -19.67 -19.41
N GLY B 52 -24.61 -19.12 -19.16
CA GLY B 52 -25.80 -19.92 -18.93
C GLY B 52 -25.96 -20.25 -17.46
N VAL B 53 -24.87 -20.12 -16.71
CA VAL B 53 -24.82 -20.53 -15.32
C VAL B 53 -25.67 -19.63 -14.44
N GLU B 54 -26.49 -20.27 -13.60
CA GLU B 54 -27.38 -19.55 -12.70
C GLU B 54 -26.70 -19.31 -11.35
N LYS B 55 -27.16 -18.30 -10.63
CA LYS B 55 -26.66 -18.03 -9.29
C LYS B 55 -27.82 -17.78 -8.33
N LEU B 56 -27.55 -17.87 -7.03
CA LEU B 56 -28.58 -17.83 -6.01
C LEU B 56 -28.16 -17.04 -4.77
N ILE B 57 -29.14 -16.34 -4.17
CA ILE B 57 -28.99 -15.75 -2.85
C ILE B 57 -29.55 -16.71 -1.81
N ILE B 58 -28.69 -17.25 -0.96
CA ILE B 58 -29.13 -18.21 0.06
C ILE B 58 -29.09 -17.53 1.44
N THR B 59 -30.20 -17.60 2.19
CA THR B 59 -30.27 -16.96 3.50
C THR B 59 -30.90 -17.81 4.60
N ASN B 60 -30.82 -17.27 5.81
CA ASN B 60 -31.52 -17.79 6.98
C ASN B 60 -32.47 -16.71 7.49
N ASN B 61 -32.96 -16.84 8.73
CA ASN B 61 -33.78 -15.80 9.35
C ASN B 61 -32.96 -14.85 10.22
N ASN B 62 -31.65 -15.02 10.25
CA ASN B 62 -30.76 -14.17 11.03
C ASN B 62 -29.92 -13.29 10.11
N GLY B 63 -30.55 -12.83 9.03
CA GLY B 63 -29.93 -11.91 8.09
C GLY B 63 -28.56 -12.32 7.59
N LYS B 64 -28.40 -13.59 7.25
CA LYS B 64 -27.19 -14.05 6.58
C LYS B 64 -27.42 -14.09 5.08
N LYS B 65 -26.54 -13.44 4.31
CA LYS B 65 -26.69 -13.36 2.86
C LYS B 65 -25.43 -13.82 2.16
N ASP B 66 -25.58 -14.77 1.25
CA ASP B 66 -24.46 -15.28 0.46
C ASP B 66 -24.94 -15.66 -0.95
N ILE B 67 -24.05 -15.49 -1.93
CA ILE B 67 -24.35 -15.81 -3.33
C ILE B 67 -23.60 -17.06 -3.79
N PHE B 68 -24.34 -18.07 -4.23
CA PHE B 68 -23.75 -19.30 -4.75
C PHE B 68 -24.16 -19.58 -6.19
N GLU B 69 -23.29 -20.27 -6.93
CA GLU B 69 -23.70 -20.88 -8.18
C GLU B 69 -24.72 -21.95 -7.82
N SER B 70 -25.72 -22.14 -8.67
CA SER B 70 -26.88 -22.96 -8.30
C SER B 70 -26.52 -24.44 -8.05
N ASP B 71 -25.35 -24.88 -8.52
CA ASP B 71 -24.95 -26.27 -8.30
C ASP B 71 -24.62 -26.55 -6.84
N ILE B 72 -24.78 -25.54 -5.99
CA ILE B 72 -24.70 -25.76 -4.56
C ILE B 72 -25.87 -26.65 -4.16
N LEU B 73 -26.94 -26.63 -4.96
CA LEU B 73 -28.14 -27.39 -4.62
C LEU B 73 -28.05 -28.86 -5.01
N THR B 74 -26.93 -29.30 -5.58
CA THR B 74 -26.74 -30.71 -5.86
C THR B 74 -26.39 -31.43 -4.56
N THR B 75 -26.78 -32.69 -4.45
CA THR B 75 -26.59 -33.45 -3.21
C THR B 75 -25.11 -33.60 -2.90
N ARG B 76 -24.28 -33.46 -3.93
CA ARG B 76 -22.84 -33.54 -3.76
C ARG B 76 -22.32 -32.31 -3.03
N ASN B 77 -22.92 -31.16 -3.33
CA ASN B 77 -22.41 -29.87 -2.87
C ASN B 77 -23.17 -29.26 -1.70
N LEU B 78 -24.45 -29.60 -1.56
CA LEU B 78 -25.32 -28.95 -0.59
C LEU B 78 -24.80 -29.02 0.86
N PRO B 79 -24.22 -30.17 1.27
CA PRO B 79 -23.70 -30.23 2.64
C PRO B 79 -22.66 -29.15 2.94
N SER B 80 -22.06 -28.60 1.89
CA SER B 80 -21.03 -27.58 2.06
C SER B 80 -21.63 -26.29 2.60
N LEU B 81 -22.97 -26.20 2.64
CA LEU B 81 -23.61 -25.07 3.28
C LEU B 81 -23.39 -25.11 4.78
N ILE B 82 -22.89 -26.23 5.29
CA ILE B 82 -22.59 -26.32 6.72
C ILE B 82 -21.38 -25.45 7.04
N LYS B 83 -20.51 -25.25 6.06
CA LYS B 83 -19.36 -24.36 6.23
C LYS B 83 -19.85 -22.95 6.52
N TYR B 84 -20.97 -22.59 5.91
CA TYR B 84 -21.51 -21.25 6.03
C TYR B 84 -22.53 -21.16 7.17
N GLY B 85 -22.48 -22.11 8.10
CA GLY B 85 -23.23 -21.99 9.34
C GLY B 85 -24.55 -22.75 9.44
N TYR B 86 -25.03 -23.30 8.33
CA TYR B 86 -26.31 -23.98 8.34
C TYR B 86 -26.18 -25.39 8.89
N SER B 87 -27.31 -26.01 9.22
CA SER B 87 -27.34 -27.40 9.70
C SER B 87 -28.13 -28.26 8.73
N ILE B 88 -27.61 -29.45 8.46
CA ILE B 88 -28.21 -30.35 7.48
C ILE B 88 -28.10 -31.81 7.91
N ASN B 89 -29.22 -32.52 7.79
CA ASN B 89 -29.28 -33.94 8.08
C ASN B 89 -29.10 -34.72 6.77
N GLU B 90 -27.90 -35.26 6.56
CA GLU B 90 -27.55 -35.81 5.25
C GLU B 90 -28.23 -37.15 4.96
N LYS B 91 -29.01 -37.66 5.90
CA LYS B 91 -29.88 -38.80 5.59
C LYS B 91 -30.98 -38.35 4.65
N TYR B 92 -31.17 -37.03 4.53
CA TYR B 92 -32.28 -36.46 3.78
C TYR B 92 -31.81 -35.45 2.74
N ILE B 93 -30.55 -35.56 2.33
CA ILE B 93 -29.94 -34.62 1.40
C ILE B 93 -30.62 -34.64 0.02
N ARG B 94 -31.02 -35.83 -0.43
CA ARG B 94 -31.59 -35.98 -1.77
C ARG B 94 -32.90 -35.23 -1.93
N SER B 95 -33.75 -35.29 -0.91
CA SER B 95 -35.00 -34.54 -0.92
C SER B 95 -34.71 -33.06 -0.74
N LEU B 96 -33.97 -32.74 0.33
CA LEU B 96 -33.63 -31.37 0.67
C LEU B 96 -33.06 -30.61 -0.51
N SER B 97 -32.31 -31.32 -1.35
CA SER B 97 -31.76 -30.73 -2.56
C SER B 97 -32.91 -30.41 -3.50
N TYR B 98 -33.87 -31.32 -3.56
CA TYR B 98 -35.00 -31.16 -4.48
C TYR B 98 -35.93 -30.07 -4.00
N ALA B 99 -36.15 -30.01 -2.69
CA ALA B 99 -37.06 -29.03 -2.10
C ALA B 99 -36.59 -27.60 -2.36
N LEU B 100 -35.30 -27.35 -2.21
CA LEU B 100 -34.72 -26.05 -2.46
C LEU B 100 -34.74 -25.68 -3.95
N GLN B 101 -34.57 -26.68 -4.82
CA GLN B 101 -34.73 -26.47 -6.25
C GLN B 101 -36.16 -26.04 -6.54
N LEU B 102 -37.12 -26.77 -6.00
CA LEU B 102 -38.52 -26.43 -6.19
C LEU B 102 -38.80 -25.00 -5.71
N ARG B 104 -36.73 -22.36 -5.68
CA ARG B 104 -36.21 -21.34 -6.56
C ARG B 104 -36.91 -21.37 -7.92
N ASP B 105 -37.58 -22.47 -8.23
CA ASP B 105 -38.35 -22.56 -9.46
C ASP B 105 -39.51 -21.58 -9.37
N ARG B 106 -40.07 -21.45 -8.17
CA ARG B 106 -41.16 -20.53 -7.91
C ARG B 106 -40.68 -19.08 -8.02
N LEU B 107 -39.40 -18.85 -7.73
CA LEU B 107 -38.84 -17.51 -7.87
C LEU B 107 -38.88 -17.06 -9.32
N PRO B 108 -38.95 -15.75 -9.55
CA PRO B 108 -38.79 -15.22 -10.91
C PRO B 108 -37.33 -14.93 -11.21
N LEU B 109 -36.99 -14.78 -12.48
CA LEU B 109 -35.65 -14.41 -12.86
C LEU B 109 -35.36 -12.98 -12.43
N SER B 110 -34.21 -12.78 -11.80
CA SER B 110 -33.74 -11.45 -11.41
C SER B 110 -32.45 -11.18 -12.16
N GLU B 111 -31.97 -9.95 -12.10
CA GLU B 111 -30.69 -9.62 -12.71
C GLU B 111 -29.71 -9.09 -11.68
N LEU B 112 -28.47 -9.54 -11.79
CA LEU B 112 -27.42 -9.17 -10.85
C LEU B 112 -26.41 -8.25 -11.52
N TYR B 113 -26.33 -7.02 -11.03
CA TYR B 113 -25.28 -6.10 -11.46
C TYR B 113 -24.16 -6.16 -10.44
N GLU B 114 -22.93 -6.29 -10.93
CA GLU B 114 -21.77 -6.41 -10.04
C GLU B 114 -20.83 -5.26 -10.28
N GLY B 115 -20.40 -4.63 -9.20
CA GLY B 115 -19.41 -3.58 -9.27
C GLY B 115 -19.73 -2.44 -8.34
N VAL B 116 -18.93 -1.38 -8.48
CA VAL B 116 -19.09 -0.18 -7.66
C VAL B 116 -18.94 1.02 -8.57
N GLY B 117 -19.52 2.14 -8.16
CA GLY B 117 -19.53 3.34 -8.97
C GLY B 117 -20.82 3.39 -9.78
N ILE B 118 -20.70 3.71 -11.06
CA ILE B 118 -21.85 3.79 -11.94
C ILE B 118 -22.04 2.51 -12.72
N LEU B 119 -23.13 1.81 -12.41
CA LEU B 119 -23.43 0.53 -13.02
C LEU B 119 -24.42 0.70 -14.16
N GLU B 120 -24.04 0.23 -15.35
CA GLU B 120 -24.85 0.35 -16.55
C GLU B 120 -26.04 -0.59 -16.46
N THR B 121 -27.21 -0.11 -16.84
CA THR B 121 -28.40 -0.95 -16.77
C THR B 121 -29.35 -0.70 -17.97
N PRO B 122 -29.91 -1.76 -18.56
CA PRO B 122 -30.86 -1.59 -19.67
C PRO B 122 -32.07 -0.73 -19.30
N PHE B 123 -32.29 -0.61 -18.00
CA PHE B 123 -33.33 0.22 -17.41
C PHE B 123 -32.75 1.52 -16.85
N GLY B 124 -31.58 1.92 -17.33
CA GLY B 124 -30.91 3.13 -16.87
C GLY B 124 -29.53 2.90 -16.27
N TYR B 125 -29.29 3.51 -15.11
CA TYR B 125 -28.02 3.32 -14.42
C TYR B 125 -28.23 3.29 -12.92
N LEU B 126 -27.33 2.59 -12.24
CA LEU B 126 -27.31 2.55 -10.78
C LEU B 126 -26.05 3.21 -10.28
N ILE B 127 -26.11 3.75 -9.06
CA ILE B 127 -24.89 4.11 -8.35
C ILE B 127 -24.69 3.10 -7.22
N SER B 128 -23.67 2.26 -7.37
CA SER B 128 -23.34 1.27 -6.36
C SER B 128 -22.23 1.79 -5.45
N LEU B 129 -22.53 1.99 -4.18
CA LEU B 129 -21.53 2.41 -3.20
C LEU B 129 -21.44 1.41 -2.05
N ASP B 130 -22.13 1.69 -0.95
CA ASP B 130 -22.23 0.76 0.17
C ASP B 130 -23.68 0.34 0.21
N LYS B 131 -24.56 1.34 0.19
CA LYS B 131 -25.93 1.13 -0.21
C LYS B 131 -25.98 1.31 -1.70
N VAL B 132 -27.13 1.04 -2.30
CA VAL B 132 -27.28 1.19 -3.73
C VAL B 132 -28.27 2.30 -3.97
N LEU B 133 -27.83 3.24 -4.80
CA LEU B 133 -28.58 4.45 -5.09
C LEU B 133 -29.15 4.34 -6.50
N LYS B 134 -30.47 4.37 -6.63
CA LYS B 134 -31.09 4.28 -7.95
C LYS B 134 -31.32 5.66 -8.52
N SER B 135 -31.34 5.74 -9.84
CA SER B 135 -31.53 7.00 -10.53
C SER B 135 -32.97 7.16 -10.99
N ILE B 136 -33.31 8.38 -11.40
CA ILE B 136 -34.65 8.73 -11.83
C ILE B 136 -35.09 7.89 -13.01
N GLN B 137 -34.15 7.58 -13.90
CA GLN B 137 -34.48 6.77 -15.07
C GLN B 137 -34.77 5.34 -14.65
N PHE B 138 -33.95 4.82 -13.74
CA PHE B 138 -34.10 3.44 -13.28
C PHE B 138 -35.27 3.27 -12.33
N ASN B 139 -35.35 4.08 -11.29
CA ASN B 139 -36.44 4.00 -10.30
C ASN B 139 -37.79 3.89 -10.98
N GLN B 140 -37.99 4.70 -12.02
CA GLN B 140 -39.27 4.76 -12.72
C GLN B 140 -39.49 3.52 -13.58
N SER B 141 -38.40 2.93 -14.07
CA SER B 141 -38.45 1.98 -15.18
C SER B 141 -38.39 0.51 -14.79
N SER B 142 -37.88 0.18 -13.60
CA SER B 142 -37.77 -1.23 -13.19
C SER B 142 -38.79 -1.55 -12.10
N PRO B 143 -39.52 -2.68 -12.25
CA PRO B 143 -40.53 -3.00 -11.24
C PRO B 143 -40.00 -3.92 -10.13
N SER B 144 -38.70 -3.81 -9.83
CA SER B 144 -38.08 -4.69 -8.85
C SER B 144 -36.91 -4.02 -8.12
N TYR B 145 -36.57 -4.57 -6.95
CA TYR B 145 -35.41 -4.13 -6.19
C TYR B 145 -34.12 -4.65 -6.84
N PRO B 146 -33.23 -3.74 -7.26
CA PRO B 146 -31.99 -4.20 -7.90
C PRO B 146 -31.11 -4.93 -6.89
N ILE B 147 -30.28 -5.85 -7.36
CA ILE B 147 -29.39 -6.61 -6.49
C ILE B 147 -27.94 -6.43 -6.94
N VAL B 148 -27.08 -6.07 -5.99
CA VAL B 148 -25.70 -5.66 -6.31
C VAL B 148 -24.65 -6.33 -5.43
N ASP B 149 -23.51 -6.65 -6.05
CA ASP B 149 -22.33 -7.11 -5.32
C ASP B 149 -21.57 -5.91 -4.75
N SER B 150 -21.56 -5.80 -3.42
CA SER B 150 -20.99 -4.63 -2.74
C SER B 150 -19.57 -4.31 -3.20
N ALA B 151 -18.71 -5.33 -3.16
CA ALA B 151 -17.41 -5.31 -3.86
C ALA B 151 -16.36 -4.37 -3.27
N TYR B 152 -16.60 -3.83 -2.08
CA TYR B 152 -15.55 -3.21 -1.25
C TYR B 152 -16.04 -3.12 0.18
N ASP B 153 -15.26 -2.45 1.04
CA ASP B 153 -15.74 -2.10 2.38
C ASP B 153 -16.69 -0.91 2.26
N LEU B 154 -16.12 0.29 2.18
CA LEU B 154 -16.87 1.51 1.91
C LEU B 154 -17.92 1.84 2.96
N THR B 155 -17.95 1.07 4.05
CA THR B 155 -18.91 1.32 5.11
C THR B 155 -18.43 2.53 5.91
N PRO B 156 -19.33 3.49 6.19
CA PRO B 156 -18.86 4.69 6.89
C PRO B 156 -18.39 4.46 8.32
N LYS B 157 -17.28 5.09 8.66
CA LYS B 157 -16.73 5.07 10.02
C LYS B 157 -16.80 6.49 10.55
N GLY B 158 -17.10 6.64 11.84
CA GLY B 158 -17.13 7.94 12.46
C GLY B 158 -18.23 8.83 11.90
N THR B 159 -17.99 10.14 11.92
CA THR B 159 -18.99 11.12 11.48
C THR B 159 -18.54 11.99 10.31
N PHE B 160 -19.51 12.41 9.51
CA PHE B 160 -19.32 13.47 8.54
C PHE B 160 -18.74 14.72 9.21
N ASP B 161 -19.30 15.07 10.37
CA ASP B 161 -18.89 16.26 11.12
C ASP B 161 -17.39 16.32 11.38
N ASN B 162 -16.80 15.23 11.87
CA ASN B 162 -15.36 15.17 12.12
C ASN B 162 -14.55 15.36 10.84
N TRP B 163 -14.93 14.61 9.81
CA TRP B 163 -14.28 14.72 8.50
C TRP B 163 -14.34 16.16 8.00
N PHE B 164 -15.50 16.78 8.16
CA PHE B 164 -15.66 18.13 7.68
C PHE B 164 -14.86 19.10 8.55
N ASN B 165 -14.79 18.80 9.84
CA ASN B 165 -13.98 19.62 10.73
C ASN B 165 -12.50 19.57 10.35
N TYR B 167 -11.55 18.93 7.39
CA TYR B 167 -11.56 19.66 6.13
C TYR B 167 -11.38 21.16 6.34
N ILE B 168 -12.16 21.78 7.23
CA ILE B 168 -12.00 23.21 7.46
C ILE B 168 -10.63 23.53 8.05
N ASP B 169 -10.18 22.70 9.00
CA ASP B 169 -9.02 23.03 9.81
C ASP B 169 -7.67 22.71 9.15
N GLU B 170 -7.64 21.72 8.25
CA GLU B 170 -6.39 21.25 7.66
C GLU B 170 -6.33 21.30 6.14
N VAL B 171 -7.48 21.47 5.49
CA VAL B 171 -7.59 21.34 4.04
C VAL B 171 -7.98 22.65 3.36
N LYS B 172 -9.09 23.23 3.81
CA LYS B 172 -9.61 24.46 3.22
C LYS B 172 -8.54 25.57 3.16
N GLY B 173 -8.45 26.22 1.99
CA GLY B 173 -7.47 27.26 1.79
C GLY B 173 -6.17 26.72 1.22
N HIS B 174 -6.07 25.40 1.15
CA HIS B 174 -4.88 24.75 0.62
C HIS B 174 -5.18 24.06 -0.70
N LEU B 175 -4.74 24.69 -1.78
CA LEU B 175 -5.03 24.26 -3.14
C LEU B 175 -4.90 22.76 -3.36
N LEU B 176 -3.71 22.24 -3.08
CA LEU B 176 -3.38 20.87 -3.44
C LEU B 176 -4.16 19.85 -2.60
N LEU B 177 -4.28 20.12 -1.30
CA LEU B 177 -5.06 19.25 -0.42
C LEU B 177 -6.54 19.32 -0.77
N GLU B 178 -6.95 20.38 -1.45
CA GLU B 178 -8.32 20.51 -1.93
C GLU B 178 -8.49 19.68 -3.20
N LEU B 179 -7.53 19.85 -4.12
CA LEU B 179 -7.47 18.99 -5.30
C LEU B 179 -7.59 17.55 -4.88
N ALA B 180 -6.79 17.11 -3.92
CA ALA B 180 -6.83 15.72 -3.46
C ALA B 180 -8.25 15.24 -3.13
N VAL B 181 -9.08 16.11 -2.54
CA VAL B 181 -10.46 15.71 -2.22
C VAL B 181 -11.30 15.70 -3.48
N ILE B 182 -11.09 16.69 -4.34
CA ILE B 182 -11.77 16.75 -5.63
C ILE B 182 -11.51 15.50 -6.47
N PHE B 183 -10.23 15.22 -6.72
CA PHE B 183 -9.78 14.04 -7.46
C PHE B 183 -10.53 12.76 -7.07
N GLY B 184 -10.77 12.59 -5.77
CA GLY B 184 -11.39 11.37 -5.28
C GLY B 184 -12.85 11.22 -5.66
N ILE B 185 -13.57 12.34 -5.70
CA ILE B 185 -14.98 12.33 -6.08
C ILE B 185 -15.09 12.40 -7.62
N SER B 186 -14.05 12.95 -8.24
CA SER B 186 -14.03 13.08 -9.69
C SER B 186 -14.01 11.74 -10.40
N ALA B 187 -13.80 10.65 -9.66
CA ALA B 187 -13.86 9.33 -10.26
C ALA B 187 -15.30 9.03 -10.61
N LEU B 188 -16.18 9.18 -9.62
CA LEU B 188 -17.60 8.93 -9.81
C LEU B 188 -18.14 9.94 -10.81
N VAL B 189 -17.71 11.20 -10.70
CA VAL B 189 -18.20 12.22 -11.63
C VAL B 189 -17.75 11.93 -13.07
N THR B 190 -16.46 11.65 -13.26
CA THR B 190 -15.92 11.35 -14.58
C THR B 190 -16.65 10.17 -15.20
N SER B 191 -16.75 9.09 -14.42
CA SER B 191 -17.45 7.90 -14.87
C SER B 191 -18.89 8.26 -15.26
N PHE B 192 -19.53 9.09 -14.45
CA PHE B 192 -20.90 9.52 -14.73
C PHE B 192 -20.99 10.24 -16.07
N LEU B 193 -20.03 11.12 -16.34
CA LEU B 193 -20.03 11.80 -17.63
C LEU B 193 -19.76 10.87 -18.81
N LYS B 194 -18.79 9.97 -18.69
CA LYS B 194 -18.60 9.00 -19.76
C LYS B 194 -19.89 8.26 -20.03
N HIS B 195 -20.54 7.79 -18.96
CA HIS B 195 -21.82 7.10 -19.09
C HIS B 195 -22.83 7.90 -19.90
N LYS B 196 -22.73 9.23 -19.84
CA LYS B 196 -23.62 10.11 -20.59
C LYS B 196 -23.02 10.51 -21.93
N HIS B 197 -21.88 9.92 -22.26
CA HIS B 197 -21.18 10.20 -23.52
C HIS B 197 -20.85 11.68 -23.69
N GLU B 198 -20.59 12.36 -22.57
CA GLU B 198 -20.17 13.75 -22.60
C GLU B 198 -18.64 13.84 -22.66
N ILE B 199 -17.99 12.75 -22.24
CA ILE B 199 -16.58 12.51 -22.49
C ILE B 199 -16.46 11.08 -23.00
N GLU B 200 -15.35 10.74 -23.64
CA GLU B 200 -15.12 9.37 -24.08
C GLU B 200 -14.12 8.62 -23.20
N PHE B 201 -13.26 9.34 -22.48
CA PHE B 201 -12.36 8.69 -21.52
C PHE B 201 -13.11 8.38 -20.23
N ALA B 202 -12.75 7.27 -19.58
CA ALA B 202 -13.51 6.75 -18.44
C ALA B 202 -12.90 7.11 -17.09
N GLY B 203 -11.77 7.80 -17.09
CA GLY B 203 -11.10 8.13 -15.85
C GLY B 203 -9.67 8.58 -16.03
N ILE B 204 -9.13 9.22 -14.99
CA ILE B 204 -7.76 9.72 -15.01
C ILE B 204 -6.89 9.03 -13.98
N LEU B 205 -5.68 8.67 -14.40
CA LEU B 205 -4.63 8.25 -13.49
C LEU B 205 -3.90 9.47 -12.94
N PHE B 206 -3.99 9.66 -11.62
CA PHE B 206 -3.26 10.74 -10.95
C PHE B 206 -2.03 10.16 -10.25
N SER B 207 -0.93 10.88 -10.30
CA SER B 207 0.29 10.46 -9.62
C SER B 207 0.82 11.55 -8.71
N PHE B 208 0.80 11.28 -7.41
CA PHE B 208 1.39 12.19 -6.44
C PHE B 208 2.86 11.87 -6.30
N THR B 209 3.71 12.72 -6.88
CA THR B 209 5.15 12.52 -6.79
C THR B 209 5.77 13.72 -6.09
N GLY B 210 7.07 13.65 -5.87
CA GLY B 210 7.78 14.69 -5.13
C GLY B 210 8.73 14.06 -4.14
N GLN B 211 9.33 14.88 -3.29
CA GLN B 211 10.29 14.35 -2.34
C GLN B 211 9.62 13.73 -1.13
N SER B 212 10.40 12.92 -0.41
CA SER B 212 9.92 12.19 0.74
C SER B 212 9.48 13.10 1.89
N SER B 213 8.37 12.74 2.51
CA SER B 213 7.87 13.42 3.71
C SER B 213 7.27 14.77 3.35
N THR B 214 6.25 14.72 2.50
CA THR B 214 5.64 15.92 1.95
C THR B 214 4.12 15.78 1.81
N GLY B 215 3.56 14.72 2.39
CA GLY B 215 2.12 14.57 2.46
C GLY B 215 1.47 13.84 1.29
N LYS B 216 2.26 13.18 0.47
CA LYS B 216 1.74 12.46 -0.70
C LYS B 216 0.79 11.35 -0.26
N SER B 217 1.32 10.38 0.49
CA SER B 217 0.50 9.30 1.03
C SER B 217 -0.58 9.82 1.96
N THR B 218 -0.50 11.10 2.34
CA THR B 218 -1.48 11.69 3.24
C THR B 218 -2.64 12.24 2.43
N ALA B 219 -2.33 13.12 1.48
CA ALA B 219 -3.33 13.62 0.55
C ALA B 219 -3.98 12.47 -0.21
N ALA B 220 -3.21 11.40 -0.41
CA ALA B 220 -3.72 10.23 -1.09
C ALA B 220 -4.83 9.55 -0.29
N ALA B 221 -4.65 9.44 1.02
CA ALA B 221 -5.66 8.87 1.90
C ALA B 221 -6.84 9.85 2.04
N LEU B 222 -6.51 11.13 2.13
CA LEU B 222 -7.51 12.19 2.13
C LEU B 222 -8.44 12.06 0.92
N ALA B 223 -7.83 11.80 -0.24
CA ALA B 223 -8.59 11.61 -1.47
C ALA B 223 -9.62 10.49 -1.41
N VAL B 224 -9.25 9.33 -0.86
CA VAL B 224 -10.13 8.16 -0.87
C VAL B 224 -11.04 8.06 0.35
N SER B 225 -10.71 8.79 1.41
CA SER B 225 -11.59 8.93 2.57
C SER B 225 -12.99 9.43 2.20
N VAL B 226 -13.15 9.82 0.94
CA VAL B 226 -14.42 10.29 0.42
C VAL B 226 -15.51 9.21 0.38
N ALA B 227 -15.12 7.96 0.10
CA ALA B 227 -16.09 6.87 -0.05
C ALA B 227 -15.81 5.64 0.80
N GLY B 228 -14.63 5.58 1.43
CA GLY B 228 -14.31 4.40 2.23
C GLY B 228 -12.96 4.39 2.90
N ASN B 229 -12.67 3.27 3.56
CA ASN B 229 -11.47 3.08 4.37
C ASN B 229 -10.18 3.53 3.67
N PRO B 230 -9.52 4.57 4.20
CA PRO B 230 -8.27 5.04 3.60
C PRO B 230 -7.01 4.44 4.23
N THR B 231 -7.14 3.37 5.01
CA THR B 231 -6.00 2.77 5.70
C THR B 231 -5.64 1.40 5.11
N LYS B 232 -4.44 0.90 5.40
CA LYS B 232 -4.09 -0.46 5.02
C LYS B 232 -4.91 -1.42 5.88
N GLY B 233 -5.31 -2.54 5.30
CA GLY B 233 -6.27 -3.43 5.93
C GLY B 233 -6.78 -4.44 4.92
N ASN B 234 -7.86 -5.15 5.27
CA ASN B 234 -8.39 -6.20 4.42
C ASN B 234 -8.88 -5.70 3.06
N GLU B 235 -10.02 -5.01 3.07
CA GLU B 235 -10.68 -4.57 1.85
C GLU B 235 -10.84 -3.04 1.84
N THR B 236 -9.81 -2.34 1.41
CA THR B 236 -9.76 -0.88 1.52
C THR B 236 -9.30 -0.21 0.24
N LEU B 237 -9.33 1.12 0.24
CA LEU B 237 -8.99 1.91 -0.95
C LEU B 237 -7.55 2.39 -0.93
N PHE B 238 -6.85 2.09 0.16
CA PHE B 238 -5.44 2.42 0.28
C PHE B 238 -4.62 1.14 0.14
N ARG B 239 -3.91 1.01 -0.97
CA ARG B 239 -3.12 -0.17 -1.24
C ARG B 239 -1.74 0.20 -1.78
N SER B 240 -0.89 -0.79 -1.96
CA SER B 240 0.46 -0.58 -2.46
C SER B 240 0.64 -1.20 -3.84
N TRP B 241 1.75 -0.86 -4.49
CA TRP B 241 2.17 -1.50 -5.72
C TRP B 241 2.64 -2.93 -5.51
N ASN B 242 2.79 -3.35 -4.26
CA ASN B 242 3.30 -4.68 -3.96
C ASN B 242 2.34 -5.78 -4.37
N ALA B 243 2.37 -6.15 -5.66
CA ALA B 243 1.69 -7.35 -6.15
C ALA B 243 1.98 -7.59 -7.63
N THR B 244 1.30 -8.59 -8.18
CA THR B 244 1.33 -8.85 -9.62
C THR B 244 0.37 -7.93 -10.36
N ARG B 245 0.54 -7.81 -11.67
CA ARG B 245 -0.46 -7.18 -12.52
C ARG B 245 -1.77 -7.95 -12.39
N ASN B 246 -1.67 -9.25 -12.16
CA ASN B 246 -2.83 -10.12 -12.00
C ASN B 246 -3.79 -9.64 -10.92
N ALA B 247 -3.25 -9.05 -9.86
CA ALA B 247 -4.05 -8.69 -8.68
C ALA B 247 -4.40 -7.21 -8.61
N LEU B 248 -3.49 -6.34 -9.06
CA LEU B 248 -3.81 -4.92 -9.19
C LEU B 248 -5.04 -4.75 -10.06
N GLU B 249 -4.90 -5.08 -11.33
CA GLU B 249 -6.03 -5.15 -12.26
C GLU B 249 -7.22 -5.89 -11.65
N GLY B 250 -6.94 -6.89 -10.82
CA GLY B 250 -7.98 -7.71 -10.24
C GLY B 250 -8.76 -6.99 -9.17
N TYR B 251 -8.09 -6.12 -8.41
CA TYR B 251 -8.76 -5.36 -7.36
C TYR B 251 -9.57 -4.20 -7.95
N LEU B 252 -9.15 -3.72 -9.12
CA LEU B 252 -9.89 -2.67 -9.83
C LEU B 252 -11.14 -3.17 -10.53
N SER B 253 -11.27 -4.49 -10.67
CA SER B 253 -12.34 -5.06 -11.49
C SER B 253 -13.71 -4.56 -11.08
N ASN B 254 -14.53 -4.24 -12.08
CA ASN B 254 -15.91 -3.81 -11.87
C ASN B 254 -16.00 -2.50 -11.07
N ASN B 255 -14.99 -1.66 -11.21
CA ASN B 255 -14.98 -0.35 -10.55
C ASN B 255 -15.19 0.80 -11.54
N TYR B 256 -16.30 1.51 -11.37
CA TYR B 256 -16.62 2.64 -12.22
C TYR B 256 -17.02 3.89 -11.43
N GLY B 257 -16.18 4.31 -10.49
CA GLY B 257 -16.47 5.52 -9.73
C GLY B 257 -15.81 5.62 -8.35
N ILE B 258 -15.06 4.61 -7.95
CA ILE B 258 -14.38 4.63 -6.65
C ILE B 258 -12.89 4.90 -6.81
N PRO B 259 -12.36 5.90 -6.08
CA PRO B 259 -10.92 6.11 -6.21
C PRO B 259 -10.14 5.08 -5.39
N ILE B 260 -8.97 4.70 -5.88
CA ILE B 260 -8.11 3.74 -5.20
C ILE B 260 -6.68 4.27 -5.18
N VAL B 261 -5.94 3.96 -4.12
CA VAL B 261 -4.55 4.40 -3.99
C VAL B 261 -3.56 3.24 -4.18
N PHE B 262 -2.58 3.48 -5.03
CA PHE B 262 -1.41 2.62 -5.16
C PHE B 262 -0.22 3.36 -4.59
N ASP B 263 0.19 3.00 -3.39
CA ASP B 263 1.17 3.77 -2.64
C ASP B 263 2.60 3.28 -2.88
N GLU B 264 3.47 4.20 -3.29
CA GLU B 264 4.91 3.94 -3.39
C GLU B 264 5.30 2.93 -4.48
N LEU B 265 5.72 3.44 -5.63
CA LEU B 265 6.30 2.61 -6.69
C LEU B 265 7.50 1.78 -6.23
N SER B 266 8.27 2.32 -5.28
CA SER B 266 9.53 1.71 -4.90
C SER B 266 9.35 0.26 -4.48
N SER B 267 8.18 -0.06 -3.91
CA SER B 267 7.83 -1.43 -3.54
C SER B 267 6.93 -2.09 -4.57
N THR B 268 7.30 -2.03 -5.85
CA THR B 268 6.44 -2.55 -6.91
C THR B 268 6.54 -4.07 -6.99
N ASP B 272 10.23 -0.60 -15.93
CA ASP B 272 9.86 -0.35 -17.32
C ASP B 272 8.33 -0.33 -17.43
N THR B 273 7.73 0.82 -17.16
CA THR B 273 6.32 0.89 -16.79
C THR B 273 5.30 1.24 -17.87
N THR B 274 5.77 1.64 -19.07
CA THR B 274 4.89 2.10 -20.15
C THR B 274 3.50 1.45 -20.22
N GLY B 275 3.47 0.13 -20.45
CA GLY B 275 2.21 -0.57 -20.65
C GLY B 275 1.23 -0.47 -19.49
N LEU B 276 1.76 -0.40 -18.27
CA LEU B 276 0.92 -0.41 -17.08
C LEU B 276 0.18 0.91 -16.95
N LEU B 277 0.85 2.01 -17.28
CA LEU B 277 0.22 3.32 -17.27
C LEU B 277 -1.01 3.32 -18.18
N TYR B 278 -0.80 2.91 -19.43
CA TYR B 278 -1.90 2.76 -20.38
C TYR B 278 -3.02 1.89 -19.82
N SER B 279 -2.66 0.70 -19.37
CA SER B 279 -3.63 -0.25 -18.80
C SER B 279 -4.64 0.40 -17.85
N ILE B 280 -4.16 1.35 -17.05
CA ILE B 280 -5.01 1.98 -16.03
C ILE B 280 -6.07 2.89 -16.64
N ALA B 281 -5.65 3.72 -17.59
CA ALA B 281 -6.54 4.70 -18.21
C ALA B 281 -7.73 4.04 -18.92
N GLU B 282 -7.52 2.83 -19.43
CA GLU B 282 -8.58 2.08 -20.10
C GLU B 282 -8.88 0.79 -19.34
N GLY B 283 -10.14 0.61 -18.92
CA GLY B 283 -10.51 -0.53 -18.12
C GLY B 283 -10.44 -1.85 -18.83
N GLN B 284 -9.27 -2.19 -19.37
CA GLN B 284 -9.06 -3.45 -20.08
C GLN B 284 -8.23 -4.39 -19.24
N GLY B 285 -8.75 -5.61 -19.00
CA GLY B 285 -8.00 -6.62 -18.28
C GLY B 285 -7.07 -7.39 -19.22
N ARG B 286 -6.77 -8.63 -18.85
CA ARG B 286 -6.10 -9.57 -19.75
C ARG B 286 -6.97 -10.80 -19.95
N GLN B 287 -6.82 -11.46 -21.10
CA GLN B 287 -7.34 -12.79 -21.36
C GLN B 287 -8.71 -13.08 -20.72
N THR B 297 -13.13 -14.22 -20.04
CA THR B 297 -13.52 -12.82 -20.12
C THR B 297 -12.48 -11.94 -19.43
N PRO B 298 -12.50 -10.63 -19.71
CA PRO B 298 -11.59 -9.70 -19.05
C PRO B 298 -12.23 -8.96 -17.87
N LYS B 299 -11.40 -8.53 -16.91
CA LYS B 299 -11.85 -7.60 -15.88
C LYS B 299 -11.91 -6.22 -16.51
N ASN B 300 -13.05 -5.56 -16.36
CA ASN B 300 -13.24 -4.24 -16.95
C ASN B 300 -13.60 -3.21 -15.89
N TRP B 301 -12.92 -2.07 -15.95
CA TRP B 301 -13.11 -1.01 -14.97
C TRP B 301 -13.23 0.36 -15.64
N GLY B 302 -13.41 1.41 -14.86
CA GLY B 302 -13.45 2.74 -15.39
C GLY B 302 -13.47 3.74 -14.26
N THR B 303 -12.31 3.90 -13.62
CA THR B 303 -12.22 4.64 -12.38
C THR B 303 -10.93 5.44 -12.37
N SER B 304 -10.73 6.23 -11.33
CA SER B 304 -9.53 7.04 -11.19
C SER B 304 -8.69 6.48 -10.06
N VAL B 305 -7.38 6.63 -10.18
CA VAL B 305 -6.44 5.95 -9.32
C VAL B 305 -5.31 6.92 -8.99
N ILE B 306 -4.91 6.95 -7.72
CA ILE B 306 -3.84 7.83 -7.29
C ILE B 306 -2.58 7.02 -7.00
N SER B 307 -1.48 7.43 -7.63
CA SER B 307 -0.18 6.85 -7.34
C SER B 307 0.58 7.76 -6.38
N THR B 308 1.57 7.18 -5.72
CA THR B 308 2.42 7.91 -4.79
C THR B 308 3.83 7.39 -4.97
N SER B 309 4.81 8.27 -5.10
CA SER B 309 6.18 7.83 -5.35
C SER B 309 7.23 8.93 -5.19
N GLU B 310 8.44 8.53 -4.81
CA GLU B 310 9.57 9.46 -4.71
C GLU B 310 10.16 9.77 -6.08
N TYR B 311 9.68 9.10 -7.11
CA TYR B 311 10.17 9.33 -8.47
C TYR B 311 9.04 9.26 -9.50
N SER B 312 9.15 10.08 -10.53
CA SER B 312 8.14 10.20 -11.56
C SER B 312 7.75 8.88 -12.22
N ILE B 313 6.54 8.84 -12.77
CA ILE B 313 6.05 7.68 -13.52
C ILE B 313 6.41 7.73 -15.00
N PHE B 314 6.64 8.92 -15.53
CA PHE B 314 7.22 9.07 -16.86
C PHE B 314 8.75 8.91 -16.81
N ASN B 315 9.20 8.19 -15.79
CA ASN B 315 10.60 7.88 -15.57
C ASN B 315 10.81 6.38 -15.72
N ASP B 316 11.52 6.01 -16.78
CA ASP B 316 11.59 4.62 -17.27
C ASP B 316 10.30 4.28 -18.01
N SER B 317 9.83 5.24 -18.81
CA SER B 317 8.69 5.03 -19.70
C SER B 317 9.03 5.55 -21.09
N ALA B 318 8.24 5.12 -22.08
CA ALA B 318 8.41 5.59 -23.44
C ALA B 318 8.27 7.10 -23.53
N GLN B 319 8.92 7.71 -24.51
CA GLN B 319 8.69 9.11 -24.83
C GLN B 319 7.47 9.17 -25.74
N ASN B 320 6.30 8.85 -25.18
CA ASN B 320 5.06 8.81 -25.96
C ASN B 320 4.08 9.86 -25.47
N ASP B 321 3.41 10.52 -26.42
CA ASP B 321 2.44 11.54 -26.09
C ASP B 321 1.22 10.95 -25.39
N GLY B 322 0.68 9.86 -25.95
CA GLY B 322 -0.50 9.22 -25.40
C GLY B 322 -0.37 8.81 -23.94
N LEU B 323 0.85 8.89 -23.42
CA LEU B 323 1.14 8.54 -22.05
C LEU B 323 0.94 9.76 -21.15
N ARG B 324 1.47 10.90 -21.58
CA ARG B 324 1.33 12.15 -20.85
C ARG B 324 -0.12 12.66 -20.83
N VAL B 325 -0.97 12.10 -21.69
CA VAL B 325 -2.32 12.60 -21.86
C VAL B 325 -3.32 11.96 -20.90
N ARG B 326 -3.22 10.65 -20.71
CA ARG B 326 -4.13 9.96 -19.81
C ARG B 326 -3.54 9.90 -18.40
N THR B 327 -2.51 10.71 -18.17
CA THR B 327 -1.87 10.82 -16.86
C THR B 327 -1.60 12.26 -16.46
N ILE B 328 -1.92 12.60 -15.21
CA ILE B 328 -1.55 13.89 -14.64
C ILE B 328 -0.76 13.69 -13.36
N GLU B 329 0.44 14.26 -13.30
CA GLU B 329 1.34 14.05 -12.18
C GLU B 329 1.65 15.36 -11.46
N ILE B 330 1.26 15.42 -10.19
CA ILE B 330 1.49 16.58 -9.35
C ILE B 330 2.79 16.42 -8.56
N ASN B 331 3.77 17.25 -8.87
CA ASN B 331 5.05 17.25 -8.17
C ASN B 331 5.18 18.47 -7.27
N GLU B 332 4.29 18.57 -6.30
CA GLU B 332 4.32 19.66 -5.34
C GLU B 332 4.00 19.13 -3.95
N GLN B 333 4.54 19.81 -2.94
CA GLN B 333 4.27 19.46 -1.56
C GLN B 333 2.80 19.73 -1.27
N PHE B 334 2.12 18.75 -0.67
CA PHE B 334 0.70 18.88 -0.38
C PHE B 334 0.43 19.48 1.00
N THR B 335 1.07 18.94 2.03
CA THR B 335 0.85 19.41 3.40
C THR B 335 1.87 20.49 3.77
N THR B 336 1.42 21.46 4.56
CA THR B 336 2.24 22.62 4.91
C THR B 336 3.28 22.29 5.98
N ASN B 337 2.89 21.51 6.99
CA ASN B 337 3.80 21.13 8.06
C ASN B 337 3.58 19.67 8.44
N ALA B 338 4.41 19.15 9.33
CA ALA B 338 4.35 17.74 9.71
C ALA B 338 3.09 17.41 10.50
N THR B 339 2.57 18.41 11.20
CA THR B 339 1.42 18.22 12.06
C THR B 339 0.16 18.20 11.21
N ASN B 340 0.13 19.05 10.19
CA ASN B 340 -0.95 19.04 9.22
C ASN B 340 -1.17 17.63 8.69
N ALA B 341 -0.09 17.01 8.23
CA ALA B 341 -0.15 15.64 7.71
C ALA B 341 -0.60 14.67 8.78
N ASP B 342 0.08 14.68 9.92
CA ASP B 342 -0.26 13.78 11.01
C ASP B 342 -1.69 13.99 11.50
N ASN B 343 -2.18 15.21 11.40
CA ASN B 343 -3.55 15.53 11.77
C ASN B 343 -4.55 14.98 10.76
N ILE B 344 -4.24 15.12 9.48
CA ILE B 344 -5.13 14.58 8.44
C ILE B 344 -5.25 13.05 8.51
N LYS B 345 -4.10 12.35 8.52
CA LYS B 345 -4.11 10.88 8.52
C LYS B 345 -5.02 10.33 9.62
N LYS B 346 -4.90 10.92 10.82
CA LYS B 346 -5.66 10.47 11.98
C LYS B 346 -7.14 10.73 11.77
N ALA B 347 -7.47 11.84 11.14
CA ALA B 347 -8.86 12.22 10.93
C ALA B 347 -9.53 11.25 9.96
N VAL B 348 -8.84 10.92 8.88
CA VAL B 348 -9.45 10.03 7.89
C VAL B 348 -9.46 8.56 8.32
N ALA B 349 -8.43 8.12 9.05
CA ALA B 349 -8.46 6.77 9.59
C ALA B 349 -9.69 6.53 10.48
N LEU B 350 -10.17 7.58 11.12
CA LEU B 350 -11.26 7.48 12.08
C LEU B 350 -12.63 7.86 11.49
N ASN B 351 -12.62 8.67 10.44
CA ASN B 351 -13.84 9.12 9.79
C ASN B 351 -13.74 9.09 8.26
N TYR B 352 -14.52 8.24 7.62
CA TYR B 352 -14.48 8.12 6.16
C TYR B 352 -15.80 7.63 5.56
N GLY B 353 -15.99 7.92 4.27
CA GLY B 353 -17.10 7.36 3.51
C GLY B 353 -18.37 8.19 3.48
N HIS B 354 -18.28 9.46 3.85
CA HIS B 354 -19.47 10.30 4.02
C HIS B 354 -19.75 11.24 2.86
N VAL B 355 -18.70 11.61 2.11
CA VAL B 355 -18.82 12.60 1.05
C VAL B 355 -19.38 12.04 -0.27
N LEU B 356 -18.83 10.92 -0.73
CA LEU B 356 -19.20 10.41 -2.05
C LEU B 356 -20.67 10.00 -2.17
N PRO B 357 -21.28 9.50 -1.07
CA PRO B 357 -22.73 9.28 -1.16
C PRO B 357 -23.47 10.59 -1.47
N LEU B 358 -23.02 11.68 -0.87
CA LEU B 358 -23.59 12.99 -1.12
C LEU B 358 -23.38 13.33 -2.60
N VAL B 359 -22.15 13.17 -3.07
CA VAL B 359 -21.86 13.41 -4.49
C VAL B 359 -22.77 12.56 -5.40
N ALA B 360 -23.01 11.32 -4.98
CA ALA B 360 -23.84 10.41 -5.75
C ALA B 360 -25.28 10.92 -5.85
N LYS B 361 -25.85 11.27 -4.70
CA LYS B 361 -27.20 11.82 -4.70
C LYS B 361 -27.26 13.08 -5.54
N TYR B 362 -26.24 13.93 -5.41
CA TYR B 362 -26.20 15.16 -6.20
C TYR B 362 -26.19 14.86 -7.70
N LEU B 363 -25.33 13.94 -8.15
CA LEU B 363 -25.31 13.55 -9.55
C LEU B 363 -26.70 13.09 -9.99
N ILE B 364 -27.35 12.27 -9.17
CA ILE B 364 -28.69 11.79 -9.51
C ILE B 364 -29.79 12.86 -9.53
N ASN B 365 -29.83 13.74 -8.54
CA ASN B 365 -30.93 14.72 -8.49
C ASN B 365 -30.67 16.02 -9.24
N ARG B 366 -29.46 16.22 -9.74
CA ARG B 366 -29.10 17.45 -10.44
C ARG B 366 -28.30 17.13 -11.71
N GLU B 367 -28.73 16.11 -12.42
CA GLU B 367 -28.04 15.58 -13.59
C GLU B 367 -27.78 16.64 -14.68
N ASP B 368 -28.85 17.22 -15.21
CA ASP B 368 -28.74 18.21 -16.27
C ASP B 368 -27.88 19.39 -15.83
N GLU B 369 -28.06 19.77 -14.57
CA GLU B 369 -27.34 20.90 -13.99
C GLU B 369 -25.83 20.65 -14.04
N VAL B 370 -25.40 19.43 -13.71
CA VAL B 370 -23.99 19.08 -13.76
C VAL B 370 -23.50 19.05 -15.20
N ILE B 371 -24.28 18.45 -16.09
CA ILE B 371 -23.84 18.39 -17.48
C ILE B 371 -23.65 19.80 -18.05
N GLN B 372 -24.54 20.73 -17.70
CA GLN B 372 -24.40 22.12 -18.12
C GLN B 372 -23.19 22.80 -17.47
N TRP B 373 -23.00 22.56 -16.17
CA TRP B 373 -21.78 23.01 -15.50
C TRP B 373 -20.54 22.58 -16.28
N PHE B 374 -20.51 21.30 -16.62
CA PHE B 374 -19.39 20.73 -17.35
C PHE B 374 -19.19 21.46 -18.66
N TYR B 375 -20.26 21.66 -19.41
CA TYR B 375 -20.16 22.42 -20.64
C TYR B 375 -19.54 23.81 -20.41
N LYS B 376 -20.01 24.52 -19.39
CA LYS B 376 -19.45 25.83 -19.07
C LYS B 376 -17.94 25.76 -18.85
N GLU B 377 -17.49 24.76 -18.08
CA GLU B 377 -16.06 24.60 -17.84
C GLU B 377 -15.28 24.22 -19.11
N VAL B 378 -15.81 23.31 -19.92
CA VAL B 378 -15.11 22.92 -21.14
C VAL B 378 -14.95 24.15 -22.03
N ASP B 379 -16.00 24.95 -22.11
CA ASP B 379 -15.95 26.14 -22.95
C ASP B 379 -14.94 27.15 -22.42
N TRP B 380 -14.93 27.33 -21.10
CA TRP B 380 -13.94 28.21 -20.49
C TRP B 380 -12.51 27.76 -20.82
N PHE B 381 -12.23 26.47 -20.66
CA PHE B 381 -10.88 25.98 -20.95
C PHE B 381 -10.53 26.08 -22.43
N GLU B 382 -11.48 25.74 -23.30
CA GLU B 382 -11.26 25.92 -24.74
C GLU B 382 -10.90 27.37 -25.05
N ALA B 383 -11.66 28.30 -24.50
CA ALA B 383 -11.44 29.72 -24.78
C ALA B 383 -10.10 30.21 -24.25
N LYS B 384 -9.75 29.82 -23.02
CA LYS B 384 -8.50 30.27 -22.41
C LYS B 384 -7.26 29.62 -23.01
N LEU B 385 -7.44 28.55 -23.78
CA LEU B 385 -6.32 27.86 -24.42
C LEU B 385 -6.60 27.66 -25.90
N LYS B 386 -6.96 28.75 -26.59
CA LYS B 386 -7.28 28.69 -28.01
C LYS B 386 -6.02 28.85 -28.88
N ASP B 387 -4.85 28.78 -28.26
CA ASP B 387 -3.59 28.87 -28.98
C ASP B 387 -2.95 27.49 -29.16
N GLU B 388 -3.51 26.48 -28.50
CA GLU B 388 -3.02 25.13 -28.62
C GLU B 388 -3.47 24.50 -29.94
N THR B 389 -2.53 24.25 -30.83
CA THR B 389 -2.81 23.54 -32.07
C THR B 389 -2.65 22.03 -31.87
N ASN B 390 -1.67 21.66 -31.05
CA ASN B 390 -1.39 20.27 -30.74
C ASN B 390 -2.64 19.51 -30.29
N ASN B 391 -3.06 18.54 -31.11
CA ASN B 391 -4.19 17.68 -30.80
C ASN B 391 -4.19 17.19 -29.35
N THR B 392 -3.04 16.68 -28.91
CA THR B 392 -2.90 16.08 -27.59
C THR B 392 -3.12 17.07 -26.45
N GLY B 393 -3.02 18.36 -26.76
CA GLY B 393 -3.22 19.40 -25.77
C GLY B 393 -4.69 19.76 -25.64
N ILE B 394 -5.37 19.73 -26.79
CA ILE B 394 -6.82 19.98 -26.83
C ILE B 394 -7.54 18.86 -26.10
N ARG B 395 -6.88 17.71 -26.05
CA ARG B 395 -7.45 16.49 -25.47
C ARG B 395 -7.51 16.58 -23.95
N PHE B 397 -8.34 19.31 -22.41
CA PHE B 397 -9.36 20.29 -22.08
C PHE B 397 -10.53 19.69 -21.31
N LYS B 398 -11.18 18.66 -21.85
CA LYS B 398 -12.30 18.05 -21.16
C LYS B 398 -11.86 17.39 -19.85
N ARG B 399 -10.56 17.09 -19.71
CA ARG B 399 -10.03 16.53 -18.46
C ARG B 399 -9.90 17.56 -17.33
N TYR B 400 -9.33 18.72 -17.60
CA TYR B 400 -9.27 19.80 -16.62
C TYR B 400 -10.69 20.17 -16.14
N ALA B 401 -11.63 20.01 -17.06
CA ALA B 401 -12.99 20.49 -16.87
C ALA B 401 -13.89 19.50 -16.15
N VAL B 402 -13.45 18.25 -15.99
CA VAL B 402 -14.19 17.33 -15.12
C VAL B 402 -13.75 17.62 -13.69
N ILE B 403 -12.50 18.05 -13.54
CA ILE B 403 -11.96 18.34 -12.22
C ILE B 403 -12.58 19.61 -11.67
N THR B 404 -12.60 20.69 -12.43
CA THR B 404 -13.26 21.91 -11.94
C THR B 404 -14.76 21.66 -11.67
N THR B 405 -15.42 20.97 -12.60
CA THR B 405 -16.81 20.57 -12.40
C THR B 405 -16.96 19.76 -11.12
N SER B 406 -16.00 18.89 -10.84
CA SER B 406 -16.04 18.10 -9.61
C SER B 406 -15.85 18.99 -8.39
N ALA B 407 -14.99 20.00 -8.53
CA ALA B 407 -14.80 20.98 -7.46
C ALA B 407 -16.10 21.72 -7.12
N LYS B 408 -16.81 22.20 -8.14
CA LYS B 408 -18.10 22.87 -7.89
C LYS B 408 -19.07 21.99 -7.08
N ILE B 409 -19.12 20.70 -7.41
CA ILE B 409 -20.01 19.78 -6.71
C ILE B 409 -19.51 19.59 -5.28
N LEU B 410 -18.20 19.44 -5.12
CA LEU B 410 -17.63 19.35 -3.77
C LEU B 410 -18.08 20.57 -2.98
N GLY B 411 -17.99 21.73 -3.61
CA GLY B 411 -18.42 22.97 -2.99
C GLY B 411 -19.87 22.96 -2.52
N ARG B 412 -20.79 22.62 -3.41
CA ARG B 412 -22.20 22.55 -3.00
C ARG B 412 -22.43 21.52 -1.91
N VAL B 413 -21.85 20.34 -2.09
CA VAL B 413 -22.10 19.20 -1.23
C VAL B 413 -21.66 19.44 0.22
N LEU B 414 -20.45 19.98 0.40
CA LEU B 414 -19.94 20.30 1.73
C LEU B 414 -20.53 21.60 2.27
N SER B 415 -21.23 22.33 1.40
CA SER B 415 -21.73 23.66 1.71
C SER B 415 -20.60 24.57 2.19
N THR B 416 -19.51 24.62 1.44
CA THR B 416 -18.38 25.49 1.76
C THR B 416 -17.83 26.13 0.50
N ASP B 417 -17.15 27.25 0.68
CA ASP B 417 -16.68 28.03 -0.46
C ASP B 417 -15.35 27.50 -0.95
N ILE B 418 -15.29 27.23 -2.26
CA ILE B 418 -14.08 26.75 -2.91
C ILE B 418 -13.75 27.63 -4.10
N ASP B 419 -12.55 28.20 -4.08
CA ASP B 419 -12.14 29.14 -5.11
C ASP B 419 -11.89 28.41 -6.42
N ILE B 420 -12.84 28.52 -7.35
CA ILE B 420 -12.77 27.80 -8.62
C ILE B 420 -11.75 28.46 -9.52
N ALA B 421 -11.57 29.77 -9.35
CA ALA B 421 -10.57 30.53 -10.09
C ALA B 421 -9.18 29.91 -9.93
N ASN B 422 -8.83 29.58 -8.70
CA ASN B 422 -7.49 29.08 -8.40
C ASN B 422 -7.26 27.70 -9.01
N ILE B 423 -8.34 26.92 -9.12
CA ILE B 423 -8.25 25.57 -9.66
C ILE B 423 -8.20 25.61 -11.18
N ARG B 424 -9.01 26.48 -11.77
CA ARG B 424 -8.90 26.75 -13.20
C ARG B 424 -7.47 27.17 -13.52
N ASP B 425 -6.99 28.20 -12.83
CA ASP B 425 -5.69 28.77 -13.11
C ASP B 425 -4.56 27.77 -12.84
N TYR B 426 -4.68 26.98 -11.79
CA TYR B 426 -3.68 25.95 -11.49
C TYR B 426 -3.45 25.05 -12.70
N PHE B 427 -4.52 24.69 -13.39
CA PHE B 427 -4.44 23.81 -14.55
C PHE B 427 -4.05 24.55 -15.81
N ILE B 428 -4.51 25.79 -15.96
CA ILE B 428 -3.99 26.62 -17.03
C ILE B 428 -2.47 26.72 -16.87
N ASP B 429 -2.02 26.72 -15.62
CA ASP B 429 -0.58 26.80 -15.35
C ASP B 429 0.11 25.44 -15.46
N TYR B 430 -0.59 24.37 -15.13
CA TYR B 430 -0.09 23.01 -15.37
C TYR B 430 0.10 22.75 -16.86
N HIS B 431 -0.86 23.21 -17.65
CA HIS B 431 -0.87 22.99 -19.09
C HIS B 431 0.35 23.62 -19.75
N THR B 432 0.47 24.94 -19.63
CA THR B 432 1.53 25.71 -20.27
C THR B 432 2.93 25.21 -19.93
N HIS B 433 3.09 24.58 -18.77
CA HIS B 433 4.39 24.05 -18.36
C HIS B 433 4.53 22.57 -18.72
N THR B 434 3.51 22.03 -19.38
CA THR B 434 3.51 20.65 -19.85
C THR B 434 3.33 20.63 -21.37
N VAL B 435 3.39 21.81 -21.99
CA VAL B 435 3.22 21.91 -23.43
C VAL B 435 4.35 21.20 -24.17
N SER B 436 5.59 21.46 -23.74
CA SER B 436 6.76 20.90 -24.41
C SER B 436 6.87 19.39 -24.23
N GLU B 437 6.00 18.83 -23.40
CA GLU B 437 6.05 17.41 -23.06
C GLU B 437 4.97 16.59 -23.75
N ARG B 438 4.04 17.27 -24.41
CA ARG B 438 3.05 16.60 -25.25
C ARG B 438 3.44 16.74 -26.72
N SER B 439 4.67 17.22 -26.94
CA SER B 439 5.18 17.51 -28.27
C SER B 439 6.45 16.75 -28.57
N LEU B 440 6.35 15.67 -29.33
CA LEU B 440 7.54 14.92 -29.77
C LEU B 440 8.64 15.81 -30.29
N ALA B 441 8.26 16.78 -31.13
CA ALA B 441 9.23 17.70 -31.70
C ALA B 441 10.09 18.36 -30.62
N ASP B 442 9.44 18.93 -29.60
CA ASP B 442 10.15 19.64 -28.53
C ASP B 442 11.00 18.69 -27.66
N LYS B 443 10.48 17.51 -27.36
CA LYS B 443 11.26 16.52 -26.62
C LYS B 443 12.47 16.04 -27.42
N ALA B 444 12.27 15.79 -28.71
CA ALA B 444 13.31 15.25 -29.59
C ALA B 444 14.42 16.24 -29.96
N ILE B 445 14.03 17.45 -30.35
CA ILE B 445 15.03 18.44 -30.77
C ILE B 445 16.00 18.68 -29.59
N ASP B 446 15.50 18.37 -28.40
CA ASP B 446 16.25 18.53 -27.18
C ASP B 446 17.38 17.50 -27.01
N VAL B 447 17.06 16.22 -27.14
CA VAL B 447 18.09 15.19 -27.13
C VAL B 447 19.07 15.47 -28.25
N ILE B 448 18.55 15.94 -29.38
CA ILE B 448 19.43 16.20 -30.53
C ILE B 448 20.48 17.27 -30.24
N ILE B 449 20.08 18.43 -29.74
CA ILE B 449 21.08 19.48 -29.45
C ILE B 449 22.21 19.00 -28.51
N GLN B 450 21.85 18.22 -27.49
CA GLN B 450 22.83 17.69 -26.56
C GLN B 450 23.64 16.56 -27.18
N PHE B 451 23.01 15.82 -28.09
CA PHE B 451 23.71 14.77 -28.81
C PHE B 451 24.82 15.38 -29.65
N VAL B 452 24.51 16.48 -30.34
CA VAL B 452 25.53 17.18 -31.11
C VAL B 452 26.60 17.71 -30.17
N ALA B 453 26.18 18.39 -29.11
CA ALA B 453 27.13 18.93 -28.14
C ALA B 453 28.05 17.84 -27.58
N GLN B 454 27.45 16.72 -27.18
CA GLN B 454 28.17 15.64 -26.52
C GLN B 454 29.10 14.93 -27.49
N ASN B 455 28.63 14.74 -28.72
CA ASN B 455 29.40 14.01 -29.72
C ASN B 455 29.90 14.91 -30.86
N ARG B 456 29.95 16.21 -30.60
CA ARG B 456 30.61 17.17 -31.48
C ARG B 456 31.87 16.65 -32.16
N GLY B 457 32.66 15.86 -31.44
CA GLY B 457 33.90 15.32 -31.97
C GLY B 457 33.73 14.54 -33.27
N LYS B 458 32.52 14.05 -33.52
CA LYS B 458 32.25 13.18 -34.66
C LYS B 458 31.47 13.91 -35.76
N PHE B 459 31.34 15.22 -35.61
CA PHE B 459 30.77 16.08 -36.65
C PHE B 459 31.87 16.95 -37.27
N SER B 460 32.13 16.75 -38.55
CA SER B 460 33.17 17.50 -39.26
C SER B 460 32.64 18.80 -39.86
N ASP B 461 33.55 19.74 -40.10
CA ASP B 461 33.18 21.09 -40.55
C ASP B 461 33.33 21.28 -42.06
N GLU B 462 34.45 20.80 -42.61
CA GLU B 462 34.81 21.12 -43.98
C GLU B 462 34.26 20.13 -45.01
N GLY B 463 33.03 19.68 -44.77
CA GLY B 463 32.28 18.97 -45.79
C GLY B 463 32.58 17.50 -45.94
N ALA B 464 33.69 17.04 -45.36
CA ALA B 464 34.11 15.65 -45.50
C ALA B 464 34.06 14.92 -44.18
N LEU B 465 33.67 13.64 -44.23
CA LEU B 465 33.56 12.82 -43.04
C LEU B 465 34.95 12.30 -42.66
N LYS B 466 35.75 13.18 -42.07
CA LYS B 466 37.16 12.85 -41.79
C LYS B 466 37.41 12.64 -40.30
N ASN B 467 36.51 11.92 -39.65
CA ASN B 467 36.81 11.32 -38.35
C ASN B 467 37.22 9.87 -38.59
N PHE B 469 37.66 7.46 -36.59
CA PHE B 469 37.14 6.48 -35.64
C PHE B 469 35.66 6.21 -35.85
N GLU B 470 34.88 7.28 -35.96
CA GLU B 470 33.45 7.17 -36.24
C GLU B 470 32.88 8.54 -36.60
N ASN B 471 32.08 8.57 -37.66
CA ASN B 471 31.48 9.81 -38.16
C ASN B 471 29.99 9.81 -37.90
N TYR B 472 29.50 10.87 -37.26
CA TYR B 472 28.06 11.00 -37.02
C TYR B 472 27.44 11.97 -38.03
N GLY B 473 28.20 12.94 -38.50
CA GLY B 473 27.68 13.84 -39.50
C GLY B 473 28.56 15.02 -39.91
N LEU B 474 27.90 16.09 -40.34
CA LEU B 474 28.57 17.30 -40.81
C LEU B 474 27.85 18.52 -40.24
N ILE B 475 28.63 19.48 -39.74
CA ILE B 475 28.08 20.67 -39.11
C ILE B 475 28.61 21.93 -39.78
N SER B 476 27.73 22.91 -39.97
CA SER B 476 28.09 24.13 -40.68
C SER B 476 27.38 25.35 -40.11
N LEU B 477 28.17 26.37 -39.76
CA LEU B 477 27.63 27.64 -39.28
C LEU B 477 27.00 28.40 -40.44
N LYS B 478 25.70 28.62 -40.35
CA LYS B 478 24.95 29.31 -41.40
C LYS B 478 24.36 30.60 -40.85
N ASP B 479 23.69 31.34 -41.72
CA ASP B 479 23.18 32.66 -41.36
C ASP B 479 21.93 32.57 -40.48
N ASP B 480 22.11 32.84 -39.20
CA ASP B 480 21.05 32.73 -38.19
C ASP B 480 20.44 31.33 -38.13
N HIS B 481 21.26 30.33 -38.46
CA HIS B 481 20.95 28.94 -38.11
C HIS B 481 22.23 28.13 -38.29
N ILE B 482 22.27 26.96 -37.64
CA ILE B 482 23.40 26.04 -37.76
C ILE B 482 22.89 24.80 -38.49
N GLU B 483 23.52 24.47 -39.61
CA GLU B 483 23.13 23.26 -40.33
C GLU B 483 23.88 22.07 -39.79
N VAL B 484 23.14 21.12 -39.25
CA VAL B 484 23.68 19.83 -38.86
C VAL B 484 23.09 18.74 -39.74
N LYS B 485 23.93 18.19 -40.61
CA LYS B 485 23.56 17.01 -41.37
C LYS B 485 23.94 15.80 -40.53
N ILE B 486 22.97 14.96 -40.21
CA ILE B 486 23.27 13.78 -39.40
C ILE B 486 22.80 12.50 -40.08
N ILE B 487 23.72 11.54 -40.13
CA ILE B 487 23.47 10.22 -40.72
C ILE B 487 22.20 9.61 -40.12
N ALA B 488 21.36 9.06 -41.00
CA ALA B 488 20.07 8.50 -40.60
C ALA B 488 20.18 7.47 -39.48
N ASN B 489 20.94 6.40 -39.73
CA ASN B 489 21.15 5.34 -38.74
C ASN B 489 21.49 5.90 -37.35
N VAL B 490 22.39 6.87 -37.33
CA VAL B 490 22.85 7.47 -36.07
C VAL B 490 21.67 8.15 -35.38
N PHE B 491 20.84 8.81 -36.19
CA PHE B 491 19.66 9.51 -35.72
C PHE B 491 18.65 8.53 -35.15
N LYS B 492 18.48 7.38 -35.83
CA LYS B 492 17.58 6.34 -35.34
C LYS B 492 18.07 5.76 -34.00
N GLN B 493 19.36 5.44 -33.96
CA GLN B 493 19.95 4.82 -32.79
C GLN B 493 19.84 5.73 -31.58
N LEU B 495 17.60 7.89 -30.95
CA LEU B 495 16.20 7.96 -30.57
C LEU B 495 15.79 6.72 -29.79
N ASN B 496 16.18 5.54 -30.26
CA ASN B 496 15.95 4.34 -29.47
C ASN B 496 16.55 4.45 -28.07
N ASN B 497 17.74 5.05 -27.98
CA ASN B 497 18.47 5.14 -26.72
C ASN B 497 17.82 6.08 -25.71
N HIS B 498 17.04 7.05 -26.20
CA HIS B 498 16.31 7.97 -25.33
C HIS B 498 14.85 7.60 -25.23
N GLN B 499 14.54 6.35 -25.54
CA GLN B 499 13.20 5.78 -25.36
C GLN B 499 12.12 6.48 -26.20
N PHE B 500 12.48 6.91 -27.41
CA PHE B 500 11.50 7.15 -28.47
C PHE B 500 11.28 5.80 -29.14
N GLN B 501 10.14 5.61 -29.78
CA GLN B 501 9.80 4.29 -30.31
C GLN B 501 9.23 4.29 -31.73
N ASP B 502 9.32 5.43 -32.40
CA ASP B 502 9.06 5.49 -33.83
C ASP B 502 9.79 6.67 -34.46
N VAL B 503 10.64 6.36 -35.45
CA VAL B 503 11.42 7.38 -36.12
C VAL B 503 10.49 8.29 -36.93
N ASN B 504 9.76 7.68 -37.85
CA ASN B 504 8.85 8.40 -38.75
C ASN B 504 8.06 9.47 -38.00
N ASN B 505 7.57 9.10 -36.82
CA ASN B 505 6.78 9.99 -35.97
C ASN B 505 7.59 11.22 -35.55
N VAL B 506 8.78 10.97 -35.03
CA VAL B 506 9.64 12.05 -34.55
C VAL B 506 10.06 12.94 -35.72
N VAL B 507 10.47 12.31 -36.82
CA VAL B 507 10.89 13.03 -38.02
C VAL B 507 9.76 13.94 -38.48
N ASN B 508 8.59 13.33 -38.66
CA ASN B 508 7.41 14.04 -39.14
C ASN B 508 7.05 15.20 -38.22
N ALA B 509 7.09 14.94 -36.91
CA ALA B 509 6.90 16.00 -35.91
C ALA B 509 7.88 17.15 -36.07
N LEU B 510 9.16 16.82 -36.19
CA LEU B 510 10.20 17.83 -36.29
C LEU B 510 10.03 18.63 -37.58
N ARG B 511 9.63 17.95 -38.65
CA ARG B 511 9.48 18.60 -39.94
C ARG B 511 8.42 19.70 -39.92
N ASP B 512 7.37 19.51 -39.13
CA ASP B 512 6.25 20.46 -39.04
C ASP B 512 6.59 21.82 -38.42
N LYS B 513 7.46 21.82 -37.40
CA LYS B 513 7.88 23.09 -36.78
C LYS B 513 9.03 23.73 -37.54
N GLY B 514 9.35 23.17 -38.69
CA GLY B 514 10.46 23.66 -39.50
C GLY B 514 11.80 23.44 -38.83
N PHE B 515 12.04 22.20 -38.39
CA PHE B 515 13.34 21.82 -37.83
C PHE B 515 14.15 21.09 -38.88
N ILE B 516 13.53 20.10 -39.54
CA ILE B 516 14.06 19.53 -40.77
C ILE B 516 13.49 20.26 -41.97
N LEU B 539 19.41 10.28 -49.07
CA LEU B 539 19.30 8.90 -48.61
C LEU B 539 20.38 8.62 -47.58
N VAL B 540 20.83 9.66 -46.89
CA VAL B 540 22.01 9.57 -46.03
C VAL B 540 21.80 10.36 -44.74
N PHE B 541 21.47 11.64 -44.87
CA PHE B 541 21.32 12.51 -43.70
C PHE B 541 19.91 13.01 -43.47
N TYR B 542 19.66 13.37 -42.23
CA TYR B 542 18.59 14.33 -41.93
C TYR B 542 19.28 15.69 -41.82
N HIS B 543 18.63 16.71 -42.39
CA HIS B 543 19.17 18.07 -42.45
C HIS B 543 18.56 18.95 -41.38
N LEU B 544 19.19 19.00 -40.22
CA LEU B 544 18.63 19.74 -39.08
C LEU B 544 19.16 21.16 -39.03
N LYS B 545 18.27 22.11 -38.74
CA LYS B 545 18.65 23.50 -38.50
C LYS B 545 18.50 23.81 -37.02
N LEU B 546 19.59 24.24 -36.39
CA LEU B 546 19.58 24.57 -34.97
C LEU B 546 19.87 26.05 -34.74
N ASP B 547 19.35 26.60 -33.65
CA ASP B 547 19.50 28.04 -33.38
C ASP B 547 20.97 28.45 -33.38
N VAL B 548 21.25 29.55 -34.05
CA VAL B 548 22.61 29.99 -34.35
C VAL B 548 23.54 30.15 -33.14
N GLU B 549 23.08 30.82 -32.09
CA GLU B 549 23.96 31.22 -31.00
C GLU B 549 24.45 30.04 -30.14
N PHE B 550 24.20 28.81 -30.60
CA PHE B 550 24.94 27.66 -30.09
C PHE B 550 26.35 27.59 -30.68
N ALA B 551 26.66 28.50 -31.60
CA ALA B 551 27.86 28.41 -32.42
C ALA B 551 29.15 28.49 -31.60
N SER B 552 29.09 29.20 -30.47
CA SER B 552 30.28 29.39 -29.64
C SER B 552 30.77 28.07 -29.07
N ILE B 553 29.89 27.39 -28.33
CA ILE B 553 30.25 26.17 -27.62
C ILE B 553 30.52 25.01 -28.56
N LEU B 554 29.91 25.04 -29.74
CA LEU B 554 30.13 23.98 -30.73
C LEU B 554 31.35 24.28 -31.60
N GLY B 555 32.13 25.29 -31.21
CA GLY B 555 33.39 25.58 -31.86
C GLY B 555 33.29 25.99 -33.31
N LEU B 556 32.12 26.46 -33.73
CA LEU B 556 31.95 27.03 -35.06
C LEU B 556 32.51 28.44 -35.14
#